data_2OAQ
#
_entry.id   2OAQ
#
_cell.length_a   132.608
_cell.length_b   132.608
_cell.length_c   445.283
_cell.angle_alpha   90.000
_cell.angle_beta   90.000
_cell.angle_gamma   120.000
#
_symmetry.space_group_name_H-M   'H 3 2'
#
loop_
_entity.id
_entity.type
_entity.pdbx_description
1 polymer 'Type II secretion system protein'
2 non-polymer 'PHOSPHATE ION'
#
_entity_poly.entity_id   1
_entity_poly.type   'polypeptide(L)'
_entity_poly.pdbx_seq_one_letter_code
;(MSE)AKNHYDILRRHIRSEDLLETPEFGSGSRIVEEYWIQEPFTKAIIVENEDEFRNVYYALEPTVSSEEAEVISALYD
DLKKILVLQDVSVDLEERAEVLVRAIEKLSKEYAVSFTDNFYSR(MSE)LYYLFRDFFGYGLIDPL(MSE)EDTNVEDIS
CDGYNIPIFIYHQKYGNVETNIVLDQEKLDR(MSE)VLRLTQRSGKHISIANPIVDATLPDGSRLQATFGTEVTPRGSSF
TIRKFTIEPLTPIDLIEKGTVPSGVLAYLWLAIEHKFSAIVVGETASGKTTTLNAI(MSE)(MSE)FIPPDAKVVSIEDT
REIKLYHENWIAEVTRTG(MSE)GEGEID(MSE)YDLLRAALRQRPDYIIVGEVRGREAQTLFQA(MSE)STGHASYSTL
HAGDINQ(MSE)VYRLESEPLKVPRS(MSE)LQFLDIALVQT(MSE)WVRGNTRLRRTKEVNEILGIDPVDKNLLVNQFV
KWDPKEDKHIEVS(MSE)PKKLEK(MSE)ADFLGVSVQEVYDE(MSE)LSRKRYLEL(MSE)LKRGIRNYKEVTRYIHAY
YRNPELA(MSE)TK(MSE)EEGL
;
_entity_poly.pdbx_strand_id   1,2
#
# COMPACT_ATOMS: atom_id res chain seq x y z
N HIS A 5 3.44 20.86 -27.05
CA HIS A 5 2.46 19.93 -27.66
C HIS A 5 1.17 20.64 -28.02
N TYR A 6 0.66 21.45 -27.11
CA TYR A 6 -0.59 22.17 -27.35
C TYR A 6 -0.43 23.49 -28.09
N ASP A 7 0.78 24.04 -28.11
CA ASP A 7 0.96 25.29 -28.84
C ASP A 7 1.09 24.94 -30.30
N ILE A 8 1.83 23.86 -30.57
CA ILE A 8 2.02 23.39 -31.94
C ILE A 8 0.63 23.08 -32.47
N LEU A 9 -0.17 22.42 -31.64
CA LEU A 9 -1.55 22.13 -32.01
C LEU A 9 -2.19 23.45 -31.63
N ARG A 10 -3.52 23.52 -31.56
CA ARG A 10 -4.17 24.77 -31.18
C ARG A 10 -3.61 25.91 -32.04
N ARG A 11 -3.96 25.85 -33.31
CA ARG A 11 -3.56 26.81 -34.36
C ARG A 11 -3.82 26.04 -35.65
N HIS A 12 -3.47 24.76 -35.62
CA HIS A 12 -3.69 23.89 -36.77
C HIS A 12 -5.18 23.58 -36.79
N ILE A 13 -5.85 23.92 -35.70
CA ILE A 13 -7.28 23.71 -35.56
C ILE A 13 -8.00 24.81 -36.30
N ARG A 14 -9.31 24.66 -36.48
CA ARG A 14 -10.09 25.67 -37.16
C ARG A 14 -11.01 26.37 -36.18
N SER A 15 -11.89 25.60 -35.54
CA SER A 15 -12.82 26.14 -34.57
C SER A 15 -12.16 26.40 -33.24
N GLU A 16 -12.83 27.20 -32.41
CA GLU A 16 -12.34 27.55 -31.09
C GLU A 16 -13.43 27.23 -30.05
N ASP A 17 -14.65 27.04 -30.52
CA ASP A 17 -15.75 26.71 -29.62
C ASP A 17 -15.92 25.19 -29.63
N LEU A 18 -14.87 24.50 -29.19
CA LEU A 18 -14.83 23.05 -29.13
C LEU A 18 -15.26 22.59 -27.73
N LEU A 19 -15.78 21.37 -27.64
CA LEU A 19 -16.23 20.80 -26.36
C LEU A 19 -17.44 21.52 -25.79
N GLU A 20 -18.53 20.78 -25.59
CA GLU A 20 -19.78 21.33 -25.05
C GLU A 20 -19.66 21.67 -23.58
N THR A 21 -20.80 21.62 -22.88
CA THR A 21 -20.84 21.92 -21.45
C THR A 21 -21.27 20.66 -20.69
N PRO A 22 -20.84 20.53 -19.41
CA PRO A 22 -21.16 19.37 -18.58
C PRO A 22 -22.61 19.36 -18.11
N GLU A 23 -23.17 18.16 -17.99
CA GLU A 23 -24.55 18.00 -17.53
C GLU A 23 -24.61 16.94 -16.43
N PHE A 24 -24.69 17.39 -15.19
CA PHE A 24 -24.72 16.48 -14.04
C PHE A 24 -26.08 16.48 -13.37
N GLY A 25 -26.70 15.30 -13.33
CA GLY A 25 -28.00 15.17 -12.70
C GLY A 25 -27.99 15.67 -11.26
N SER A 26 -29.17 15.79 -10.65
CA SER A 26 -29.28 16.27 -9.28
C SER A 26 -28.38 15.50 -8.33
N GLY A 27 -28.16 16.07 -7.15
CA GLY A 27 -27.30 15.42 -6.16
C GLY A 27 -25.87 15.47 -6.64
N SER A 28 -25.66 16.06 -7.82
CA SER A 28 -24.34 16.19 -8.39
C SER A 28 -24.01 17.66 -8.64
N ARG A 29 -23.80 18.39 -7.55
CA ARG A 29 -23.47 19.81 -7.58
C ARG A 29 -22.06 20.08 -8.12
N ILE A 30 -21.88 21.23 -8.77
CA ILE A 30 -20.59 21.58 -9.33
C ILE A 30 -19.87 22.53 -8.38
N VAL A 31 -18.84 22.02 -7.74
CA VAL A 31 -18.03 22.75 -6.77
C VAL A 31 -17.16 23.83 -7.40
N GLU A 32 -16.39 23.42 -8.40
CA GLU A 32 -15.48 24.33 -9.11
C GLU A 32 -15.29 23.91 -10.56
N GLU A 33 -14.72 24.80 -11.35
CA GLU A 33 -14.48 24.51 -12.76
C GLU A 33 -13.31 25.36 -13.20
N TYR A 34 -12.42 24.78 -13.98
CA TYR A 34 -11.25 25.52 -14.45
C TYR A 34 -10.67 24.90 -15.72
N TRP A 35 -9.87 25.69 -16.43
CA TRP A 35 -9.26 25.22 -17.68
C TRP A 35 -7.97 24.47 -17.46
N ILE A 36 -7.68 23.55 -18.38
CA ILE A 36 -6.47 22.76 -18.36
C ILE A 36 -5.71 23.13 -19.62
N GLN A 37 -6.26 22.72 -20.77
CA GLN A 37 -5.68 23.02 -22.06
C GLN A 37 -6.73 23.68 -22.96
N GLU A 38 -7.03 24.94 -22.67
CA GLU A 38 -8.01 25.69 -23.42
C GLU A 38 -7.64 25.74 -24.89
N PRO A 39 -8.64 25.53 -25.78
CA PRO A 39 -10.03 25.27 -25.45
C PRO A 39 -10.44 23.83 -25.69
N PHE A 40 -9.59 22.88 -25.32
CA PHE A 40 -9.92 21.48 -25.55
C PHE A 40 -10.46 20.80 -24.30
N THR A 41 -9.57 20.64 -23.32
CA THR A 41 -9.88 20.00 -22.04
C THR A 41 -10.11 20.98 -20.90
N LYS A 42 -11.05 20.62 -20.03
CA LYS A 42 -11.39 21.44 -18.89
C LYS A 42 -11.76 20.47 -17.78
N ALA A 43 -11.48 20.83 -16.53
CA ALA A 43 -11.77 19.96 -15.39
C ALA A 43 -12.84 20.53 -14.47
N ILE A 44 -13.79 19.67 -14.09
CA ILE A 44 -14.88 20.06 -13.22
C ILE A 44 -14.88 19.26 -11.92
N ILE A 45 -14.91 19.98 -10.81
CA ILE A 45 -14.95 19.37 -9.50
C ILE A 45 -16.41 19.39 -9.03
N VAL A 46 -17.03 18.22 -9.11
CA VAL A 46 -18.42 18.04 -8.73
C VAL A 46 -18.54 17.48 -7.32
N GLU A 47 -19.63 17.82 -6.64
CA GLU A 47 -19.91 17.34 -5.28
C GLU A 47 -20.83 16.13 -5.39
N ASN A 48 -21.41 15.72 -4.26
CA ASN A 48 -22.31 14.57 -4.24
C ASN A 48 -22.91 14.49 -2.84
N GLU A 49 -23.78 15.46 -2.54
CA GLU A 49 -24.43 15.56 -1.25
C GLU A 49 -24.46 14.26 -0.44
N ASP A 50 -25.04 13.21 -1.03
CA ASP A 50 -25.14 11.91 -0.35
C ASP A 50 -23.80 11.58 0.30
N GLU A 51 -22.85 11.18 -0.54
CA GLU A 51 -21.51 10.84 -0.06
C GLU A 51 -20.71 12.11 -0.05
N PHE A 52 -20.62 12.73 1.13
CA PHE A 52 -19.87 13.98 1.30
C PHE A 52 -18.48 13.82 0.73
N ARG A 53 -18.37 13.95 -0.59
CA ARG A 53 -17.10 13.79 -1.28
C ARG A 53 -17.15 14.59 -2.58
N ASN A 54 -15.99 15.01 -3.07
CA ASN A 54 -15.96 15.74 -4.32
C ASN A 54 -15.49 14.75 -5.37
N VAL A 55 -15.74 15.05 -6.65
CA VAL A 55 -15.28 14.16 -7.69
C VAL A 55 -14.67 14.94 -8.85
N TYR A 56 -13.60 14.38 -9.40
CA TYR A 56 -12.88 15.00 -10.50
C TYR A 56 -13.40 14.48 -11.83
N TYR A 57 -13.92 15.39 -12.65
CA TYR A 57 -14.44 15.02 -13.95
C TYR A 57 -13.55 15.63 -15.04
N ALA A 58 -13.01 14.77 -15.90
CA ALA A 58 -12.11 15.19 -16.97
C ALA A 58 -12.86 15.43 -18.28
N LEU A 59 -13.06 16.71 -18.60
CA LEU A 59 -13.79 17.12 -19.81
C LEU A 59 -12.94 17.29 -21.07
N GLU A 60 -13.35 16.63 -22.14
CA GLU A 60 -12.64 16.72 -23.40
C GLU A 60 -13.69 16.94 -24.49
N PRO A 61 -13.28 17.46 -25.66
CA PRO A 61 -14.25 17.70 -26.73
C PRO A 61 -15.09 16.47 -27.04
N THR A 62 -16.39 16.57 -26.76
CA THR A 62 -17.35 15.49 -26.98
C THR A 62 -17.45 15.17 -28.46
N VAL A 63 -17.61 13.89 -28.79
CA VAL A 63 -17.72 13.48 -30.19
C VAL A 63 -18.90 12.55 -30.44
N SER A 64 -19.14 12.26 -31.71
CA SER A 64 -20.24 11.38 -32.09
C SER A 64 -19.76 9.94 -32.13
N SER A 65 -20.68 9.00 -31.98
CA SER A 65 -20.35 7.59 -32.02
C SER A 65 -20.02 7.20 -33.45
N GLU A 66 -20.45 8.04 -34.39
CA GLU A 66 -20.18 7.81 -35.81
C GLU A 66 -18.75 8.30 -36.03
N GLU A 67 -18.46 9.45 -35.42
CA GLU A 67 -17.14 10.08 -35.50
C GLU A 67 -16.15 9.18 -34.78
N ALA A 68 -16.68 8.35 -33.88
CA ALA A 68 -15.88 7.42 -33.10
C ALA A 68 -15.02 6.59 -34.03
N GLU A 69 -15.58 5.49 -34.54
CA GLU A 69 -14.85 4.63 -35.44
C GLU A 69 -14.26 5.45 -36.59
N VAL A 70 -14.91 6.59 -36.86
CA VAL A 70 -14.46 7.49 -37.93
C VAL A 70 -13.08 8.02 -37.61
N ILE A 71 -12.94 8.57 -36.42
CA ILE A 71 -11.67 9.12 -35.98
C ILE A 71 -10.71 8.00 -35.59
N SER A 72 -11.29 6.84 -35.23
CA SER A 72 -10.50 5.67 -34.85
C SER A 72 -9.99 4.97 -36.11
N ALA A 73 -10.55 5.37 -37.26
CA ALA A 73 -10.18 4.81 -38.54
C ALA A 73 -9.05 5.66 -39.13
N LEU A 74 -9.26 6.97 -39.16
CA LEU A 74 -8.26 7.90 -39.67
C LEU A 74 -6.97 7.64 -38.90
N TYR A 75 -7.13 7.06 -37.72
CA TYR A 75 -6.00 6.74 -36.85
C TYR A 75 -5.43 5.37 -37.19
N ASP A 76 -6.30 4.46 -37.63
CA ASP A 76 -5.90 3.10 -37.99
C ASP A 76 -4.92 3.12 -39.15
N ASP A 77 -4.88 4.23 -39.88
CA ASP A 77 -3.98 4.36 -41.02
C ASP A 77 -2.75 5.19 -40.67
N LEU A 78 -2.98 6.33 -40.04
CA LEU A 78 -1.89 7.23 -39.64
C LEU A 78 -0.88 6.49 -38.75
N LYS A 79 -1.34 5.39 -38.15
CA LYS A 79 -0.51 4.58 -37.27
C LYS A 79 0.64 3.97 -38.05
N LYS A 80 0.33 3.41 -39.21
CA LYS A 80 1.34 2.78 -40.05
C LYS A 80 2.28 3.79 -40.65
N ILE A 81 2.62 4.82 -39.88
CA ILE A 81 3.53 5.86 -40.35
C ILE A 81 4.69 6.03 -39.39
N LEU A 82 5.64 5.11 -39.46
CA LEU A 82 6.83 5.11 -38.60
C LEU A 82 7.37 6.50 -38.29
N VAL A 83 7.37 7.37 -39.30
CA VAL A 83 7.90 8.72 -39.14
C VAL A 83 7.11 9.60 -38.16
N LEU A 84 6.11 9.01 -37.50
CA LEU A 84 5.29 9.76 -36.55
C LEU A 84 5.70 9.47 -35.10
N GLN A 85 5.68 8.18 -34.75
CA GLN A 85 6.02 7.72 -33.40
C GLN A 85 7.44 8.11 -33.02
N ASP A 86 8.34 8.08 -34.00
CA ASP A 86 9.74 8.41 -33.78
C ASP A 86 9.89 9.65 -32.90
N VAL A 87 10.46 9.45 -31.72
CA VAL A 87 10.68 10.55 -30.77
C VAL A 87 11.93 11.33 -31.16
N SER A 88 12.80 10.71 -31.95
CA SER A 88 14.03 11.35 -32.41
C SER A 88 13.69 12.63 -33.15
N VAL A 89 12.50 12.68 -33.72
CA VAL A 89 12.05 13.84 -34.46
C VAL A 89 11.42 14.88 -33.55
N ASP A 90 11.79 16.14 -33.76
CA ASP A 90 11.23 17.24 -32.98
C ASP A 90 9.70 17.22 -33.15
N LEU A 91 9.00 17.52 -32.07
CA LEU A 91 7.55 17.53 -32.08
C LEU A 91 6.98 18.56 -33.04
N GLU A 92 7.69 19.67 -33.22
CA GLU A 92 7.24 20.73 -34.12
C GLU A 92 7.03 20.21 -35.55
N GLU A 93 7.97 19.41 -36.04
CA GLU A 93 7.89 18.84 -37.39
C GLU A 93 6.95 17.66 -37.47
N ARG A 94 7.16 16.68 -36.60
CA ARG A 94 6.34 15.47 -36.53
C ARG A 94 4.86 15.80 -36.73
N ALA A 95 4.39 16.77 -35.97
CA ALA A 95 3.00 17.22 -36.03
C ALA A 95 2.58 17.51 -37.47
N GLU A 96 3.40 18.29 -38.16
CA GLU A 96 3.15 18.66 -39.53
C GLU A 96 2.71 17.46 -40.37
N VAL A 97 3.52 16.41 -40.37
CA VAL A 97 3.19 15.23 -41.16
C VAL A 97 1.78 14.71 -40.89
N LEU A 98 1.44 14.56 -39.61
CA LEU A 98 0.11 14.08 -39.22
C LEU A 98 -0.97 14.93 -39.90
N VAL A 99 -0.76 16.24 -39.92
CA VAL A 99 -1.71 17.17 -40.55
C VAL A 99 -1.79 16.91 -42.04
N ARG A 100 -0.64 17.00 -42.71
CA ARG A 100 -0.56 16.77 -44.15
C ARG A 100 -1.08 15.39 -44.52
N ALA A 101 -0.66 14.38 -43.76
CA ALA A 101 -1.09 13.01 -43.99
C ALA A 101 -2.61 12.93 -43.90
N ILE A 102 -3.19 13.70 -42.99
CA ILE A 102 -4.64 13.72 -42.80
C ILE A 102 -5.36 14.36 -43.99
N GLU A 103 -4.66 15.18 -44.75
CA GLU A 103 -5.27 15.82 -45.91
C GLU A 103 -5.62 14.76 -46.95
N LYS A 104 -4.74 13.77 -47.10
CA LYS A 104 -4.96 12.70 -48.05
C LYS A 104 -6.15 11.83 -47.62
N THR A 114 -16.43 18.89 -40.87
CA THR A 114 -16.72 20.34 -40.64
C THR A 114 -15.48 21.14 -40.24
N ASP A 115 -15.60 22.47 -40.21
CA ASP A 115 -14.47 23.33 -39.84
C ASP A 115 -14.34 23.34 -38.32
N ASN A 116 -15.14 22.49 -37.68
CA ASN A 116 -15.14 22.38 -36.23
C ASN A 116 -14.73 20.95 -35.85
N PHE A 117 -15.28 19.98 -36.57
CA PHE A 117 -14.96 18.58 -36.34
C PHE A 117 -13.47 18.37 -36.57
N TYR A 118 -12.89 19.21 -37.41
CA TYR A 118 -11.46 19.13 -37.73
C TYR A 118 -10.65 19.29 -36.47
N SER A 119 -10.80 20.45 -35.83
CA SER A 119 -10.09 20.75 -34.60
C SER A 119 -10.40 19.73 -33.51
N ARG A 120 -11.68 19.58 -33.16
CA ARG A 120 -12.08 18.61 -32.12
C ARG A 120 -11.78 17.17 -32.53
N LEU A 122 -8.22 16.72 -34.29
CA LEU A 122 -6.78 16.82 -34.25
C LEU A 122 -6.39 16.60 -32.79
N TYR A 123 -7.24 17.06 -31.89
CA TYR A 123 -6.99 16.90 -30.47
C TYR A 123 -6.57 15.46 -30.17
N TYR A 124 -7.45 14.53 -30.49
CA TYR A 124 -7.21 13.11 -30.28
C TYR A 124 -6.00 12.62 -31.07
N LEU A 125 -6.00 12.91 -32.37
CA LEU A 125 -4.90 12.49 -33.22
C LEU A 125 -3.57 12.83 -32.54
N PHE A 126 -3.55 13.96 -31.82
CA PHE A 126 -2.35 14.41 -31.11
C PHE A 126 -2.22 13.69 -29.78
N ARG A 127 -3.31 13.71 -29.02
CA ARG A 127 -3.39 13.08 -27.73
C ARG A 127 -2.96 11.62 -27.76
N ASP A 128 -2.88 11.04 -28.95
CA ASP A 128 -2.49 9.65 -29.05
C ASP A 128 -1.16 9.43 -29.73
N PHE A 129 -0.60 10.50 -30.28
CA PHE A 129 0.68 10.40 -30.95
C PHE A 129 1.73 11.17 -30.17
N PHE A 130 1.31 12.29 -29.61
CA PHE A 130 2.23 13.14 -28.87
C PHE A 130 1.80 13.33 -27.43
N GLY A 131 0.55 12.96 -27.13
CA GLY A 131 0.02 13.10 -25.80
C GLY A 131 0.22 11.84 -24.99
N TYR A 132 -0.61 11.65 -23.97
CA TYR A 132 -0.51 10.47 -23.13
C TYR A 132 -1.74 9.59 -23.28
N GLY A 133 -2.60 9.96 -24.22
CA GLY A 133 -3.79 9.18 -24.46
C GLY A 133 -4.87 9.45 -23.43
N LEU A 134 -5.65 8.41 -23.14
CA LEU A 134 -6.75 8.49 -22.18
C LEU A 134 -6.48 9.35 -20.94
N ILE A 135 -5.26 9.32 -20.44
CA ILE A 135 -4.93 10.09 -19.24
C ILE A 135 -4.30 11.46 -19.45
N ASP A 136 -4.21 11.89 -20.71
CA ASP A 136 -3.59 13.18 -20.97
C ASP A 136 -4.19 14.31 -20.11
N PRO A 137 -5.52 14.33 -19.93
CA PRO A 137 -6.17 15.37 -19.13
C PRO A 137 -5.59 15.46 -17.73
N LEU A 138 -5.17 14.29 -17.23
CA LEU A 138 -4.59 14.17 -15.90
C LEU A 138 -3.12 14.56 -15.90
N GLU A 140 -1.72 16.72 -18.01
CA GLU A 140 -1.60 18.14 -18.31
C GLU A 140 -2.03 19.03 -17.15
N ASP A 141 -3.05 18.61 -16.42
CA ASP A 141 -3.54 19.38 -15.28
C ASP A 141 -2.50 19.42 -14.18
N THR A 142 -2.03 20.62 -13.83
CA THR A 142 -1.00 20.74 -12.80
C THR A 142 -1.55 20.68 -11.38
N ASN A 143 -2.83 20.39 -11.26
CA ASN A 143 -3.44 20.27 -9.95
C ASN A 143 -3.39 18.83 -9.50
N VAL A 144 -3.29 17.92 -10.46
CA VAL A 144 -3.23 16.52 -10.13
C VAL A 144 -1.76 16.14 -9.97
N GLU A 145 -1.38 15.82 -8.75
CA GLU A 145 -0.01 15.45 -8.49
C GLU A 145 0.22 13.96 -8.32
N ASP A 146 -0.84 13.17 -8.40
CA ASP A 146 -0.72 11.72 -8.25
C ASP A 146 -1.79 11.05 -9.05
N ILE A 147 -1.41 10.02 -9.81
CA ILE A 147 -2.39 9.30 -10.62
C ILE A 147 -2.35 7.83 -10.32
N SER A 148 -3.48 7.30 -9.83
CA SER A 148 -3.56 5.88 -9.47
C SER A 148 -4.58 5.11 -10.29
N CYS A 149 -4.08 4.24 -11.16
CA CYS A 149 -4.93 3.40 -11.98
C CYS A 149 -4.72 2.05 -11.35
N ASP A 150 -5.63 1.65 -10.47
CA ASP A 150 -5.48 0.41 -9.76
C ASP A 150 -5.69 -0.89 -10.52
N GLY A 151 -6.76 -0.97 -11.30
CA GLY A 151 -6.99 -2.20 -12.03
C GLY A 151 -8.01 -2.12 -13.13
N TYR A 152 -8.28 -3.27 -13.73
CA TYR A 152 -9.24 -3.35 -14.81
C TYR A 152 -10.61 -2.85 -14.40
N ASN A 153 -11.17 -1.97 -15.23
CA ASN A 153 -12.48 -1.39 -14.99
C ASN A 153 -12.64 -0.74 -13.61
N ILE A 154 -11.58 -0.09 -13.14
CA ILE A 154 -11.64 0.63 -11.88
C ILE A 154 -11.38 2.10 -12.18
N PRO A 155 -12.27 2.99 -11.73
CA PRO A 155 -12.06 4.41 -11.99
C PRO A 155 -10.74 4.89 -11.39
N ILE A 156 -9.99 5.64 -12.19
CA ILE A 156 -8.72 6.16 -11.74
C ILE A 156 -8.93 7.12 -10.60
N PHE A 157 -8.01 7.12 -9.66
CA PHE A 157 -8.09 8.05 -8.54
C PHE A 157 -6.92 8.98 -8.66
N ILE A 158 -7.01 10.15 -8.03
CA ILE A 158 -5.92 11.09 -8.10
C ILE A 158 -5.78 11.85 -6.79
N TYR A 159 -4.68 12.61 -6.68
CA TYR A 159 -4.44 13.46 -5.53
C TYR A 159 -4.37 14.89 -6.05
N HIS A 160 -5.43 15.63 -5.77
CA HIS A 160 -5.57 17.01 -6.19
C HIS A 160 -4.88 17.99 -5.24
N GLN A 161 -4.16 18.94 -5.83
CA GLN A 161 -3.43 19.96 -5.11
C GLN A 161 -4.23 20.53 -3.95
N LYS A 162 -5.56 20.49 -4.06
CA LYS A 162 -6.40 21.02 -3.00
C LYS A 162 -7.47 20.06 -2.54
N TYR A 163 -7.94 19.22 -3.44
CA TYR A 163 -8.98 18.27 -3.09
C TYR A 163 -8.48 16.96 -2.55
N GLY A 164 -7.23 16.62 -2.81
CA GLY A 164 -6.69 15.38 -2.32
C GLY A 164 -7.19 14.16 -3.05
N ASN A 165 -7.57 13.13 -2.30
CA ASN A 165 -8.02 11.90 -2.95
C ASN A 165 -9.43 12.01 -3.50
N VAL A 166 -9.58 11.86 -4.81
CA VAL A 166 -10.92 11.94 -5.37
C VAL A 166 -11.03 10.92 -6.50
N GLU A 167 -12.25 10.44 -6.75
CA GLU A 167 -12.45 9.48 -7.81
C GLU A 167 -12.44 10.24 -9.15
N THR A 168 -12.24 9.51 -10.24
CA THR A 168 -12.22 10.14 -11.55
C THR A 168 -13.12 9.44 -12.55
N ASN A 169 -13.50 10.17 -13.59
CA ASN A 169 -14.38 9.65 -14.63
C ASN A 169 -13.60 8.87 -15.69
N ILE A 170 -12.37 8.48 -15.36
CA ILE A 170 -11.57 7.74 -16.32
C ILE A 170 -11.36 6.30 -15.87
N VAL A 171 -11.85 5.37 -16.69
CA VAL A 171 -11.74 3.95 -16.37
C VAL A 171 -11.15 3.19 -17.55
N LEU A 172 -10.40 2.15 -17.29
CA LEU A 172 -9.84 1.42 -18.42
C LEU A 172 -10.11 -0.07 -18.30
N ASP A 173 -10.78 -0.63 -19.30
CA ASP A 173 -11.04 -2.05 -19.31
C ASP A 173 -9.71 -2.76 -19.62
N GLN A 174 -9.68 -4.07 -19.42
CA GLN A 174 -8.48 -4.87 -19.63
C GLN A 174 -7.53 -4.38 -20.71
N GLU A 175 -7.90 -4.55 -21.98
CA GLU A 175 -7.03 -4.14 -23.09
C GLU A 175 -6.65 -2.67 -23.05
N LYS A 176 -7.65 -1.82 -22.83
CA LYS A 176 -7.43 -0.37 -22.80
C LYS A 176 -6.31 0.00 -21.84
N LEU A 177 -6.25 -0.71 -20.71
CA LEU A 177 -5.24 -0.47 -19.69
C LEU A 177 -3.93 -1.18 -20.05
N ASP A 178 -4.03 -2.39 -20.57
CA ASP A 178 -2.85 -3.15 -20.94
C ASP A 178 -2.01 -2.35 -21.92
N ARG A 179 -2.65 -1.69 -22.88
CA ARG A 179 -1.90 -0.91 -23.84
C ARG A 179 -1.39 0.37 -23.18
N VAL A 181 -0.40 0.69 -20.17
CA VAL A 181 0.78 0.29 -19.42
C VAL A 181 1.99 0.10 -20.34
N LEU A 182 1.75 -0.25 -21.59
CA LEU A 182 2.87 -0.42 -22.50
C LEU A 182 3.32 0.98 -22.96
N ARG A 183 2.35 1.86 -23.21
CA ARG A 183 2.65 3.21 -23.63
C ARG A 183 3.57 3.89 -22.62
N LEU A 184 3.14 3.91 -21.36
CA LEU A 184 3.89 4.54 -20.27
C LEU A 184 5.22 3.85 -20.08
N THR A 185 5.21 2.53 -20.08
CA THR A 185 6.43 1.78 -19.91
C THR A 185 7.46 2.18 -20.97
N GLN A 186 7.02 2.22 -22.23
CA GLN A 186 7.90 2.57 -23.34
C GLN A 186 8.42 3.99 -23.29
N ARG A 187 7.55 4.97 -23.06
CA ARG A 187 8.01 6.36 -23.00
C ARG A 187 9.02 6.55 -21.87
N SER A 188 8.97 5.69 -20.87
CA SER A 188 9.90 5.77 -19.74
C SER A 188 11.18 5.03 -20.10
N GLY A 189 11.13 4.25 -21.18
CA GLY A 189 12.30 3.52 -21.65
C GLY A 189 12.45 2.08 -21.19
N LYS A 190 11.37 1.43 -20.78
CA LYS A 190 11.47 0.06 -20.32
C LYS A 190 10.60 -0.87 -21.13
N HIS A 191 10.76 -2.18 -20.90
CA HIS A 191 9.98 -3.17 -21.64
C HIS A 191 9.24 -4.12 -20.72
N ILE A 192 8.13 -3.65 -20.15
CA ILE A 192 7.30 -4.45 -19.25
C ILE A 192 6.63 -5.62 -20.00
N SER A 193 6.72 -6.81 -19.41
CA SER A 193 6.15 -8.02 -19.99
C SER A 193 5.90 -9.02 -18.87
N ILE A 194 5.25 -10.14 -19.17
CA ILE A 194 4.99 -11.14 -18.14
C ILE A 194 6.33 -11.64 -17.58
N ALA A 195 7.38 -11.49 -18.37
CA ALA A 195 8.70 -11.92 -17.94
C ALA A 195 9.26 -10.94 -16.91
N ASN A 196 8.92 -9.67 -17.12
CA ASN A 196 9.34 -8.56 -16.25
C ASN A 196 8.08 -7.72 -16.10
N PRO A 197 7.13 -8.22 -15.29
CA PRO A 197 5.84 -7.58 -15.01
C PRO A 197 5.83 -6.27 -14.24
N ILE A 198 6.93 -5.93 -13.55
CA ILE A 198 6.99 -4.68 -12.77
C ILE A 198 8.07 -3.71 -13.22
N VAL A 199 7.67 -2.45 -13.40
CA VAL A 199 8.59 -1.41 -13.84
C VAL A 199 8.54 -0.18 -12.93
N ASP A 200 9.69 0.24 -12.46
CA ASP A 200 9.78 1.41 -11.62
C ASP A 200 10.73 2.34 -12.33
N ALA A 201 10.23 3.03 -13.34
CA ALA A 201 11.07 3.94 -14.10
C ALA A 201 10.64 5.37 -13.89
N THR A 202 11.10 6.24 -14.80
CA THR A 202 10.81 7.66 -14.77
C THR A 202 10.42 8.14 -16.17
N LEU A 203 9.24 8.75 -16.28
CA LEU A 203 8.71 9.26 -17.54
C LEU A 203 9.51 10.46 -18.09
N PRO A 204 9.41 10.73 -19.42
CA PRO A 204 10.12 11.84 -20.06
C PRO A 204 9.88 13.17 -19.36
N ASP A 205 8.63 13.43 -18.99
CA ASP A 205 8.30 14.67 -18.28
C ASP A 205 8.98 14.68 -16.90
N GLY A 206 9.75 13.64 -16.61
CA GLY A 206 10.42 13.54 -15.34
C GLY A 206 9.45 13.25 -14.22
N SER A 207 8.84 12.07 -14.24
CA SER A 207 7.87 11.66 -13.23
C SER A 207 8.09 10.21 -12.85
N ARG A 208 7.76 9.86 -11.61
CA ARG A 208 7.95 8.50 -11.14
C ARG A 208 6.77 7.61 -11.53
N LEU A 209 7.08 6.51 -12.21
CA LEU A 209 6.07 5.56 -12.69
C LEU A 209 6.26 4.13 -12.23
N GLN A 210 5.31 3.61 -11.47
CA GLN A 210 5.39 2.21 -11.08
C GLN A 210 4.40 1.61 -12.05
N ALA A 211 4.66 0.40 -12.50
CA ALA A 211 3.76 -0.22 -13.45
C ALA A 211 3.84 -1.74 -13.43
N THR A 212 2.68 -2.36 -13.57
CA THR A 212 2.58 -3.80 -13.59
C THR A 212 1.77 -4.26 -14.78
N PHE A 213 2.27 -5.28 -15.47
CA PHE A 213 1.60 -5.82 -16.62
C PHE A 213 0.93 -7.14 -16.26
N GLY A 214 -0.18 -7.44 -16.93
CA GLY A 214 -0.87 -8.69 -16.65
C GLY A 214 -1.42 -8.76 -15.25
N THR A 215 -1.49 -9.98 -14.70
CA THR A 215 -2.03 -10.17 -13.36
C THR A 215 -1.20 -11.05 -12.45
N GLU A 216 0.00 -11.40 -12.90
CA GLU A 216 0.90 -12.24 -12.14
C GLU A 216 1.22 -11.67 -10.76
N VAL A 217 1.46 -10.36 -10.69
CA VAL A 217 1.77 -9.70 -9.42
C VAL A 217 0.59 -8.84 -8.93
N THR A 218 -0.29 -8.51 -9.86
CA THR A 218 -1.46 -7.71 -9.55
C THR A 218 -2.70 -8.48 -9.96
N PRO A 219 -3.21 -9.34 -9.09
CA PRO A 219 -4.42 -10.07 -9.49
C PRO A 219 -5.48 -9.15 -10.12
N ARG A 220 -5.65 -7.95 -9.54
CA ARG A 220 -6.62 -6.97 -10.02
C ARG A 220 -6.26 -6.43 -11.41
N GLY A 221 -5.47 -7.21 -12.14
CA GLY A 221 -5.07 -6.83 -13.48
C GLY A 221 -3.87 -5.91 -13.55
N SER A 222 -3.56 -5.46 -14.75
CA SER A 222 -2.43 -4.56 -14.97
C SER A 222 -2.72 -3.25 -14.25
N SER A 223 -1.66 -2.52 -13.91
CA SER A 223 -1.85 -1.25 -13.22
C SER A 223 -0.66 -0.32 -13.29
N PHE A 224 -0.89 0.92 -12.90
CA PHE A 224 0.15 1.93 -12.89
C PHE A 224 -0.19 3.08 -11.94
N THR A 225 0.87 3.76 -11.51
CA THR A 225 0.79 4.91 -10.62
C THR A 225 1.80 5.94 -11.06
N ILE A 226 1.44 7.22 -10.91
CA ILE A 226 2.35 8.28 -11.34
C ILE A 226 2.33 9.43 -10.38
N ARG A 227 3.45 9.58 -9.70
CA ARG A 227 3.65 10.65 -8.73
C ARG A 227 4.37 11.76 -9.48
N LYS A 228 3.59 12.73 -9.95
CA LYS A 228 4.09 13.88 -10.66
C LYS A 228 4.93 14.84 -9.80
N PHE A 229 6.06 15.22 -10.39
CA PHE A 229 6.99 16.13 -9.79
C PHE A 229 6.42 17.56 -9.77
N THR A 230 5.19 17.81 -10.21
CA THR A 230 4.64 19.18 -10.11
C THR A 230 4.65 19.49 -8.58
N ILE A 231 5.44 20.47 -8.16
CA ILE A 231 5.52 20.78 -6.72
C ILE A 231 5.13 22.22 -6.42
N GLU A 232 5.93 23.13 -6.94
CA GLU A 232 5.71 24.53 -6.66
C GLU A 232 6.10 24.60 -5.20
N PRO A 233 7.41 24.52 -4.92
CA PRO A 233 8.02 24.56 -3.60
C PRO A 233 7.78 25.85 -2.82
N LEU A 234 7.32 25.72 -1.59
CA LEU A 234 7.07 26.90 -0.78
C LEU A 234 8.34 27.76 -0.74
N THR A 235 8.16 29.07 -0.68
CA THR A 235 9.27 30.02 -0.69
C THR A 235 9.53 30.65 0.66
N PRO A 236 10.72 31.23 0.84
CA PRO A 236 11.03 31.87 2.12
C PRO A 236 9.97 32.93 2.40
N ILE A 237 9.66 33.71 1.38
CA ILE A 237 8.64 34.73 1.50
C ILE A 237 7.37 34.01 1.99
N ASP A 238 7.10 32.85 1.39
CA ASP A 238 5.95 32.02 1.75
C ASP A 238 5.97 31.67 3.24
N LEU A 239 7.14 31.29 3.75
CA LEU A 239 7.26 30.93 5.15
C LEU A 239 6.95 32.11 6.03
N ILE A 240 7.31 33.30 5.56
CA ILE A 240 7.05 34.52 6.30
C ILE A 240 5.55 34.75 6.38
N GLU A 241 4.88 34.60 5.25
CA GLU A 241 3.43 34.75 5.19
C GLU A 241 2.69 33.76 6.08
N LYS A 242 3.06 32.48 5.98
CA LYS A 242 2.45 31.46 6.80
C LYS A 242 2.85 31.61 8.27
N GLY A 243 3.69 32.59 8.56
CA GLY A 243 4.11 32.80 9.93
C GLY A 243 4.84 31.61 10.49
N THR A 244 5.50 30.88 9.59
CA THR A 244 6.26 29.72 9.96
C THR A 244 7.63 30.12 10.52
N VAL A 245 8.26 31.07 9.86
CA VAL A 245 9.55 31.53 10.31
C VAL A 245 9.59 33.03 10.12
N PRO A 246 10.03 33.78 11.16
CA PRO A 246 10.10 35.24 11.04
C PRO A 246 11.15 35.67 10.04
N SER A 247 10.92 36.82 9.41
CA SER A 247 11.85 37.35 8.42
C SER A 247 13.25 37.49 9.01
N GLY A 248 13.34 37.95 10.26
CA GLY A 248 14.64 38.09 10.89
C GLY A 248 15.45 36.78 10.92
N VAL A 249 14.81 35.69 11.33
CA VAL A 249 15.46 34.39 11.39
C VAL A 249 15.88 33.95 9.99
N LEU A 250 15.04 34.22 9.00
CA LEU A 250 15.34 33.84 7.62
C LEU A 250 16.61 34.52 7.07
N ALA A 251 16.86 35.75 7.52
CA ALA A 251 18.04 36.51 7.08
C ALA A 251 19.26 35.86 7.70
N TYR A 252 19.13 35.54 8.99
CA TYR A 252 20.17 34.88 9.74
C TYR A 252 20.57 33.59 8.99
N LEU A 253 19.59 32.86 8.48
CA LEU A 253 19.84 31.64 7.75
C LEU A 253 20.47 31.94 6.38
N TRP A 254 19.96 32.96 5.71
CA TRP A 254 20.49 33.35 4.41
C TRP A 254 22.00 33.53 4.58
N LEU A 255 22.43 34.34 5.54
CA LEU A 255 23.85 34.55 5.78
C LEU A 255 24.50 33.22 6.09
N ALA A 256 23.93 32.52 7.06
CA ALA A 256 24.45 31.23 7.46
C ALA A 256 24.74 30.35 6.25
N ILE A 257 23.76 30.26 5.35
CA ILE A 257 23.90 29.42 4.17
C ILE A 257 24.95 29.93 3.21
N GLU A 258 25.03 31.23 3.04
CA GLU A 258 26.03 31.78 2.13
C GLU A 258 27.42 31.40 2.65
N HIS A 259 27.60 31.46 3.97
CA HIS A 259 28.88 31.14 4.59
C HIS A 259 29.14 29.66 4.81
N LYS A 260 28.24 28.82 4.29
CA LYS A 260 28.38 27.37 4.36
C LYS A 260 28.20 26.71 5.72
N PHE A 261 27.44 27.33 6.60
CA PHE A 261 27.19 26.70 7.88
C PHE A 261 26.22 25.56 7.57
N SER A 262 26.54 24.34 8.01
CA SER A 262 25.66 23.19 7.73
C SER A 262 24.47 23.17 8.68
N ALA A 263 23.32 22.73 8.16
CA ALA A 263 22.08 22.67 8.93
C ALA A 263 21.20 21.47 8.64
N ILE A 264 20.55 20.93 9.67
CA ILE A 264 19.66 19.79 9.55
C ILE A 264 18.28 20.26 10.00
N VAL A 265 17.25 19.90 9.25
CA VAL A 265 15.90 20.29 9.65
C VAL A 265 15.25 19.08 10.28
N VAL A 266 14.99 19.21 11.57
CA VAL A 266 14.39 18.11 12.33
C VAL A 266 12.93 18.42 12.63
N GLY A 267 12.11 17.39 12.75
CA GLY A 267 10.73 17.60 13.08
C GLY A 267 9.90 16.33 13.07
N GLU A 268 8.84 16.28 13.88
CA GLU A 268 7.92 15.13 13.87
C GLU A 268 7.40 14.94 12.46
N THR A 269 6.52 13.98 12.19
CA THR A 269 6.10 13.83 10.77
C THR A 269 4.96 14.77 10.36
N ALA A 270 4.89 15.16 9.10
CA ALA A 270 3.99 16.21 8.64
C ALA A 270 4.22 17.61 9.29
N SER A 271 5.45 17.94 9.74
CA SER A 271 5.82 19.25 10.33
C SER A 271 6.44 20.30 9.43
N GLY A 272 6.94 19.84 8.30
CA GLY A 272 7.52 20.75 7.33
C GLY A 272 8.99 20.59 6.97
N LYS A 273 9.64 19.60 7.53
CA LYS A 273 11.04 19.38 7.26
C LYS A 273 11.45 19.74 5.84
N THR A 274 11.10 18.89 4.88
CA THR A 274 11.46 19.11 3.48
C THR A 274 11.08 20.48 2.93
N THR A 275 9.87 20.93 3.20
CA THR A 275 9.44 22.22 2.68
C THR A 275 10.44 23.29 3.06
N THR A 276 10.60 23.46 4.36
CA THR A 276 11.52 24.42 4.92
C THR A 276 12.92 24.30 4.30
N LEU A 277 13.45 23.08 4.24
CA LEU A 277 14.77 22.89 3.65
C LEU A 277 14.73 23.47 2.25
N ASN A 278 13.87 22.91 1.40
CA ASN A 278 13.79 23.40 0.03
C ASN A 278 13.67 24.91 0.01
N ALA A 279 12.91 25.46 0.95
CA ALA A 279 12.72 26.90 1.04
C ALA A 279 14.04 27.61 1.24
N ILE A 280 14.70 27.29 2.34
CA ILE A 280 15.95 27.94 2.62
C ILE A 280 17.09 27.50 1.73
N PHE A 283 18.60 30.00 -1.03
CA PHE A 283 19.52 31.01 -0.57
C PHE A 283 20.94 30.73 -1.04
N ILE A 284 21.11 29.67 -1.83
CA ILE A 284 22.42 29.28 -2.33
C ILE A 284 22.92 30.22 -3.42
N PRO A 285 24.17 30.70 -3.27
CA PRO A 285 24.84 31.62 -4.21
C PRO A 285 24.76 31.11 -5.63
N PRO A 286 24.19 31.92 -6.53
CA PRO A 286 23.98 31.65 -7.95
C PRO A 286 25.02 30.80 -8.69
N ASP A 287 26.30 31.00 -8.37
CA ASP A 287 27.35 30.27 -9.09
C ASP A 287 27.90 29.04 -8.40
N ALA A 288 27.55 28.85 -7.14
CA ALA A 288 28.07 27.73 -6.39
C ALA A 288 27.60 26.40 -6.95
N LYS A 289 28.45 25.39 -6.90
CA LYS A 289 28.03 24.08 -7.41
C LYS A 289 27.35 23.30 -6.30
N VAL A 290 26.12 22.87 -6.55
CA VAL A 290 25.36 22.11 -5.57
C VAL A 290 24.99 20.72 -6.12
N VAL A 291 25.12 19.71 -5.28
CA VAL A 291 24.77 18.34 -5.65
C VAL A 291 23.79 17.89 -4.57
N SER A 292 22.71 17.25 -4.99
CA SER A 292 21.69 16.76 -4.07
C SER A 292 21.52 15.26 -4.26
N ILE A 293 21.30 14.56 -3.16
CA ILE A 293 21.10 13.12 -3.22
C ILE A 293 19.80 12.79 -2.49
N GLU A 294 18.81 12.30 -3.24
CA GLU A 294 17.52 11.96 -2.65
C GLU A 294 17.04 10.56 -3.00
N ASP A 295 16.22 10.00 -2.11
CA ASP A 295 15.70 8.68 -2.38
C ASP A 295 14.69 8.81 -3.51
N THR A 296 14.07 9.99 -3.63
CA THR A 296 13.08 10.28 -4.68
C THR A 296 13.00 11.80 -4.79
N ARG A 297 13.00 12.31 -6.01
CA ARG A 297 12.95 13.76 -6.20
C ARG A 297 11.83 14.44 -5.41
N GLU A 298 12.16 15.56 -4.79
CA GLU A 298 11.19 16.32 -4.01
C GLU A 298 11.67 17.77 -4.01
N ILE A 299 12.97 17.92 -4.17
CA ILE A 299 13.61 19.22 -4.17
C ILE A 299 13.65 19.93 -5.52
N LYS A 300 13.04 21.10 -5.56
CA LYS A 300 12.99 21.93 -6.76
C LYS A 300 13.92 23.12 -6.52
N LEU A 301 14.84 23.40 -7.43
CA LEU A 301 15.75 24.53 -7.26
C LEU A 301 15.95 25.31 -8.54
N TYR A 302 15.80 26.63 -8.47
CA TYR A 302 15.98 27.47 -9.65
C TYR A 302 17.43 27.87 -9.71
N HIS A 303 18.27 26.85 -9.73
CA HIS A 303 19.71 26.98 -9.74
C HIS A 303 20.27 26.19 -10.91
N GLU A 304 21.22 26.79 -11.62
CA GLU A 304 21.82 26.17 -12.79
C GLU A 304 22.95 25.18 -12.49
N ASN A 305 24.07 25.69 -11.97
CA ASN A 305 25.20 24.82 -11.65
C ASN A 305 24.80 23.82 -10.56
N TRP A 306 23.91 22.89 -10.90
CA TRP A 306 23.40 21.90 -9.94
C TRP A 306 23.23 20.47 -10.47
N ILE A 307 23.71 19.51 -9.69
CA ILE A 307 23.56 18.11 -10.07
C ILE A 307 22.57 17.43 -9.14
N ALA A 308 21.51 16.86 -9.72
CA ALA A 308 20.49 16.16 -8.97
C ALA A 308 20.69 14.67 -9.19
N GLU A 309 20.95 13.96 -8.09
CA GLU A 309 21.17 12.52 -8.10
C GLU A 309 20.07 11.82 -7.33
N VAL A 310 19.54 10.76 -7.93
CA VAL A 310 18.47 10.01 -7.32
C VAL A 310 18.82 8.52 -7.17
N THR A 311 18.50 8.00 -5.99
CA THR A 311 18.74 6.62 -5.61
C THR A 311 18.10 5.65 -6.58
N ARG A 312 18.68 4.46 -6.70
CA ARG A 312 18.13 3.43 -7.58
C ARG A 312 17.71 2.21 -6.77
N THR A 313 16.46 1.77 -6.96
CA THR A 313 15.89 0.63 -6.26
C THR A 313 16.60 -0.68 -6.54
N GLY A 314 17.00 -0.89 -7.79
CA GLY A 314 17.69 -2.12 -8.15
C GLY A 314 16.71 -3.23 -8.46
N GLY A 316 15.57 -4.54 -10.94
CA GLY A 316 16.12 -5.52 -11.86
C GLY A 316 17.52 -5.17 -12.33
N GLU A 317 18.17 -4.27 -11.60
CA GLU A 317 19.53 -3.83 -11.95
C GLU A 317 20.40 -3.67 -10.70
N GLY A 318 21.46 -2.88 -10.84
CA GLY A 318 22.35 -2.64 -9.72
C GLY A 318 21.82 -1.59 -8.77
N GLU A 319 21.58 -1.97 -7.52
CA GLU A 319 21.05 -1.03 -6.55
C GLU A 319 22.10 0.01 -6.16
N ILE A 320 21.75 1.28 -6.27
CA ILE A 320 22.67 2.36 -5.90
C ILE A 320 21.99 3.18 -4.79
N ASP A 321 22.48 3.06 -3.55
CA ASP A 321 21.88 3.81 -2.46
C ASP A 321 22.50 5.18 -2.21
N TYR A 323 24.24 6.16 0.16
CA TYR A 323 25.63 6.04 0.57
C TYR A 323 26.49 6.07 -0.70
N ASP A 324 26.18 5.22 -1.66
CA ASP A 324 26.94 5.19 -2.89
C ASP A 324 26.98 6.56 -3.58
N LEU A 325 25.83 7.20 -3.66
CA LEU A 325 25.68 8.49 -4.35
C LEU A 325 26.39 9.64 -3.67
N LEU A 326 26.20 9.72 -2.37
CA LEU A 326 26.89 10.78 -1.63
C LEU A 326 28.36 10.55 -1.73
N ARG A 327 28.78 9.32 -1.38
CA ARG A 327 30.28 8.90 -1.40
C ARG A 327 30.95 9.41 -2.62
N ALA A 328 30.20 9.36 -3.69
CA ALA A 328 30.58 9.71 -5.00
C ALA A 328 29.69 10.83 -5.47
N ALA A 329 30.03 12.04 -5.00
CA ALA A 329 29.35 13.30 -5.33
C ALA A 329 30.16 14.33 -4.55
N LEU A 330 30.46 13.87 -3.34
CA LEU A 330 31.32 14.52 -2.34
C LEU A 330 32.64 14.43 -3.06
N ARG A 331 32.82 13.36 -3.81
CA ARG A 331 34.06 13.13 -4.64
C ARG A 331 34.31 14.26 -5.65
N GLN A 332 33.32 14.70 -6.43
CA GLN A 332 33.54 15.89 -7.32
C GLN A 332 33.67 17.13 -6.45
N ARG A 333 33.47 18.35 -6.97
CA ARG A 333 33.55 19.54 -6.05
C ARG A 333 32.19 20.25 -5.72
N PRO A 334 31.39 19.76 -4.70
CA PRO A 334 30.13 20.46 -4.43
C PRO A 334 30.46 21.48 -3.35
N ASP A 335 29.98 22.70 -3.51
CA ASP A 335 30.14 23.81 -2.57
C ASP A 335 29.03 23.50 -1.56
N TYR A 336 27.91 23.07 -2.11
CA TYR A 336 26.77 22.66 -1.30
C TYR A 336 26.26 21.25 -1.61
N ILE A 337 25.98 20.52 -0.53
CA ILE A 337 25.48 19.17 -0.60
C ILE A 337 24.13 19.07 0.10
N ILE A 338 23.13 18.54 -0.60
CA ILE A 338 21.82 18.39 0.01
C ILE A 338 21.39 16.94 -0.03
N VAL A 339 21.13 16.38 1.15
CA VAL A 339 20.69 15.01 1.25
C VAL A 339 19.21 15.05 1.67
N GLY A 340 18.32 14.62 0.79
CA GLY A 340 16.89 14.64 1.09
C GLY A 340 16.59 14.43 2.56
N GLU A 341 17.01 13.29 3.09
CA GLU A 341 16.78 12.97 4.49
C GLU A 341 17.70 11.79 4.85
N VAL A 342 18.41 11.90 5.97
CA VAL A 342 19.30 10.82 6.38
C VAL A 342 18.54 9.70 7.05
N ARG A 343 18.57 8.52 6.43
CA ARG A 343 17.88 7.38 6.97
C ARG A 343 18.84 6.20 7.18
N GLY A 344 20.13 6.49 7.24
CA GLY A 344 21.09 5.43 7.46
C GLY A 344 22.54 5.78 7.22
N ARG A 345 23.32 4.74 6.99
CA ARG A 345 24.77 4.76 6.73
C ARG A 345 25.33 6.02 6.06
N GLU A 346 24.64 6.50 5.02
CA GLU A 346 25.10 7.69 4.29
C GLU A 346 25.34 8.88 5.20
N ALA A 347 24.65 8.90 6.33
CA ALA A 347 24.75 9.97 7.30
C ALA A 347 26.19 10.27 7.72
N GLN A 348 27.00 9.21 7.82
CA GLN A 348 28.40 9.34 8.22
C GLN A 348 29.18 10.15 7.18
N THR A 349 29.00 9.78 5.91
CA THR A 349 29.67 10.47 4.81
C THR A 349 29.32 11.96 4.89
N LEU A 350 28.04 12.24 5.13
CA LEU A 350 27.57 13.62 5.21
C LEU A 350 28.34 14.41 6.27
N PHE A 351 28.37 13.92 7.50
CA PHE A 351 29.09 14.61 8.55
C PHE A 351 30.59 14.68 8.25
N GLN A 352 31.06 13.78 7.38
CA GLN A 352 32.46 13.77 6.97
C GLN A 352 32.59 14.98 6.06
N ALA A 353 31.61 15.13 5.17
CA ALA A 353 31.61 16.24 4.25
C ALA A 353 31.67 17.54 5.06
N SER A 355 32.87 17.99 8.30
CA SER A 355 34.17 18.19 8.93
C SER A 355 35.14 18.70 7.87
N THR A 356 34.77 18.55 6.61
CA THR A 356 35.60 18.96 5.50
C THR A 356 35.31 20.34 4.88
N GLY A 357 34.24 20.98 5.33
CA GLY A 357 33.94 22.28 4.80
C GLY A 357 32.87 22.32 3.72
N HIS A 358 32.26 21.18 3.45
CA HIS A 358 31.21 21.14 2.45
C HIS A 358 29.92 21.63 3.11
N ALA A 359 29.35 22.71 2.59
CA ALA A 359 28.10 23.23 3.14
C ALA A 359 27.07 22.13 2.92
N SER A 360 26.83 21.32 3.97
CA SER A 360 25.91 20.20 3.91
C SER A 360 24.58 20.46 4.62
N TYR A 361 23.50 20.03 3.98
CA TYR A 361 22.17 20.19 4.54
C TYR A 361 21.35 18.91 4.39
N SER A 362 20.42 18.68 5.30
CA SER A 362 19.58 17.52 5.22
C SER A 362 18.45 17.56 6.23
N THR A 363 17.61 16.54 6.18
CA THR A 363 16.45 16.40 7.03
C THR A 363 16.57 15.17 7.91
N LEU A 364 15.91 15.18 9.06
CA LEU A 364 15.94 14.05 9.97
C LEU A 364 14.63 13.92 10.74
N HIS A 365 14.09 12.70 10.80
CA HIS A 365 12.83 12.50 11.52
C HIS A 365 13.02 12.44 13.04
N ALA A 366 12.69 13.53 13.73
CA ALA A 366 12.82 13.58 15.18
C ALA A 366 12.11 14.80 15.78
N GLY A 367 11.82 14.75 17.08
CA GLY A 367 11.10 15.85 17.69
C GLY A 367 11.88 16.95 18.39
N ASP A 368 13.05 16.61 18.92
CA ASP A 368 13.87 17.56 19.62
C ASP A 368 15.31 17.14 19.49
N ILE A 369 16.22 18.07 19.77
CA ILE A 369 17.64 17.82 19.64
C ILE A 369 18.10 16.54 20.31
N ASN A 370 17.47 16.18 21.41
CA ASN A 370 17.85 14.95 22.06
C ASN A 370 17.55 13.80 21.11
N GLN A 371 16.32 13.72 20.61
CA GLN A 371 15.98 12.63 19.71
C GLN A 371 16.90 12.64 18.50
N VAL A 373 19.95 13.70 18.27
CA VAL A 373 21.22 13.12 18.67
C VAL A 373 21.12 11.61 18.73
N TYR A 374 20.14 11.09 19.46
CA TYR A 374 19.98 9.63 19.57
C TYR A 374 19.98 8.95 18.22
N ARG A 375 19.04 9.34 17.35
CA ARG A 375 18.93 8.77 16.01
C ARG A 375 20.23 8.82 15.20
N LEU A 376 20.91 9.97 15.27
CA LEU A 376 22.15 10.16 14.56
C LEU A 376 23.29 9.27 15.04
N GLU A 377 23.41 9.15 16.37
CA GLU A 377 24.46 8.36 16.97
C GLU A 377 24.26 6.85 16.87
N SER A 378 23.01 6.41 17.03
CA SER A 378 22.68 5.00 17.00
C SER A 378 22.49 4.44 15.60
N GLU A 379 22.71 3.13 15.46
CA GLU A 379 22.53 2.44 14.19
C GLU A 379 21.08 2.79 13.81
N PRO A 380 20.74 2.79 12.51
CA PRO A 380 21.52 2.58 11.28
C PRO A 380 22.43 3.73 10.93
N LEU A 381 22.05 4.93 11.32
CA LEU A 381 22.87 6.10 11.02
C LEU A 381 24.27 5.92 11.59
N LYS A 382 24.36 5.62 12.88
CA LYS A 382 25.65 5.43 13.54
C LYS A 382 26.69 6.50 13.19
N VAL A 383 26.40 7.76 13.53
CA VAL A 383 27.35 8.84 13.29
C VAL A 383 28.09 8.98 14.60
N PRO A 384 29.42 8.89 14.57
CA PRO A 384 30.27 9.00 15.76
C PRO A 384 30.08 10.28 16.55
N ARG A 385 29.86 10.13 17.85
CA ARG A 385 29.66 11.21 18.80
C ARG A 385 30.46 12.47 18.49
N SER A 386 31.75 12.30 18.30
CA SER A 386 32.65 13.42 18.03
C SER A 386 32.43 14.18 16.72
N LEU A 388 29.55 15.13 15.47
CA LEU A 388 28.44 16.06 15.60
C LEU A 388 28.84 17.53 15.62
N GLN A 389 30.04 17.80 16.13
CA GLN A 389 30.55 19.17 16.22
C GLN A 389 30.54 19.95 14.90
N PHE A 390 30.57 19.25 13.77
CA PHE A 390 30.59 19.92 12.48
C PHE A 390 29.23 20.40 11.97
N LEU A 391 28.16 20.06 12.69
CA LEU A 391 26.84 20.51 12.30
C LEU A 391 26.74 21.90 12.93
N ASP A 392 26.29 22.89 12.15
CA ASP A 392 26.19 24.27 12.64
C ASP A 392 24.84 24.61 13.28
N ILE A 393 23.79 24.53 12.46
CA ILE A 393 22.44 24.84 12.89
C ILE A 393 21.46 23.69 12.69
N ALA A 394 20.52 23.57 13.62
CA ALA A 394 19.49 22.56 13.57
C ALA A 394 18.16 23.22 13.89
N LEU A 395 17.30 23.26 12.86
CA LEU A 395 15.98 23.84 13.03
C LEU A 395 15.04 22.72 13.44
N VAL A 396 14.06 23.07 14.26
CA VAL A 396 13.07 22.12 14.71
C VAL A 396 11.71 22.66 14.24
N GLN A 397 11.05 21.88 13.38
CA GLN A 397 9.76 22.26 12.79
C GLN A 397 8.61 21.57 13.53
N THR A 398 7.42 22.17 13.49
CA THR A 398 6.26 21.61 14.19
C THR A 398 4.97 21.78 13.43
N TRP A 400 0.90 22.66 14.46
CA TRP A 400 0.14 23.15 15.60
C TRP A 400 -1.32 23.32 15.19
N VAL A 401 -2.23 22.75 15.97
CA VAL A 401 -3.64 22.84 15.60
C VAL A 401 -4.57 23.23 16.75
N ARG A 402 -5.69 23.84 16.40
CA ARG A 402 -6.73 24.22 17.37
C ARG A 402 -8.09 24.05 16.67
N GLY A 403 -8.59 25.10 16.03
CA GLY A 403 -9.85 24.95 15.32
C GLY A 403 -9.44 24.22 14.05
N ASN A 404 -9.61 24.86 12.89
CA ASN A 404 -9.16 24.22 11.67
C ASN A 404 -7.78 24.85 11.52
N THR A 405 -7.38 25.47 12.63
CA THR A 405 -6.10 26.15 12.76
C THR A 405 -4.94 25.19 12.48
N ARG A 406 -4.52 25.14 11.21
CA ARG A 406 -3.41 24.30 10.75
C ARG A 406 -2.14 25.16 10.63
N LEU A 407 -1.21 24.97 11.56
CA LEU A 407 0.01 25.75 11.59
C LEU A 407 1.30 24.94 11.58
N ARG A 408 2.22 25.37 10.72
CA ARG A 408 3.55 24.78 10.60
C ARG A 408 4.49 25.87 11.05
N ARG A 409 5.17 25.65 12.16
CA ARG A 409 6.05 26.65 12.70
C ARG A 409 7.42 26.13 13.01
N THR A 410 8.42 26.99 12.92
CA THR A 410 9.76 26.60 13.28
C THR A 410 9.71 26.76 14.79
N LYS A 411 9.71 25.62 15.49
CA LYS A 411 9.64 25.61 16.94
C LYS A 411 10.92 26.19 17.54
N GLU A 412 12.05 25.88 16.91
CA GLU A 412 13.31 26.43 17.42
C GLU A 412 14.52 26.44 16.49
N VAL A 413 15.30 27.51 16.63
CA VAL A 413 16.52 27.67 15.85
C VAL A 413 17.63 27.35 16.82
N ASN A 414 18.22 26.17 16.68
CA ASN A 414 19.29 25.76 17.57
C ASN A 414 20.68 25.85 16.94
N GLU A 415 21.56 26.52 17.65
CA GLU A 415 22.95 26.73 17.26
C GLU A 415 23.80 25.70 17.97
N ILE A 416 24.45 24.84 17.21
CA ILE A 416 25.31 23.81 17.80
C ILE A 416 26.69 24.39 17.95
N LEU A 417 27.05 24.77 19.16
CA LEU A 417 28.35 25.37 19.39
C LEU A 417 29.50 24.41 19.26
N GLY A 418 29.29 23.15 19.63
CA GLY A 418 30.37 22.18 19.51
C GLY A 418 30.33 21.10 20.55
N ILE A 419 31.49 20.46 20.73
CA ILE A 419 31.66 19.37 21.68
C ILE A 419 32.36 19.83 22.95
N ASP A 420 32.18 19.07 24.02
CA ASP A 420 32.82 19.37 25.29
C ASP A 420 33.71 18.21 25.71
N PRO A 421 34.96 18.49 26.11
CA PRO A 421 35.88 17.42 26.53
C PRO A 421 35.49 17.09 27.98
N VAL A 422 35.29 15.81 28.30
CA VAL A 422 34.81 15.42 29.65
C VAL A 422 33.49 16.18 29.59
N ASP A 423 32.40 15.48 29.30
CA ASP A 423 31.17 16.22 29.06
C ASP A 423 29.79 15.67 29.35
N LYS A 424 28.94 16.03 28.39
CA LYS A 424 27.54 15.70 28.22
C LYS A 424 27.59 15.82 26.69
N ASN A 425 28.63 16.54 26.26
CA ASN A 425 29.00 16.77 24.86
C ASN A 425 28.38 17.86 23.98
N LEU A 426 27.30 17.53 23.27
CA LEU A 426 26.65 18.47 22.35
C LEU A 426 26.24 19.79 22.97
N LEU A 427 27.03 20.81 22.67
CA LEU A 427 26.82 22.16 23.17
C LEU A 427 25.90 22.90 22.22
N VAL A 428 24.69 23.16 22.69
CA VAL A 428 23.72 23.87 21.88
C VAL A 428 23.26 25.19 22.49
N ASN A 429 23.28 26.23 21.67
CA ASN A 429 22.83 27.55 22.10
C ASN A 429 21.54 27.86 21.35
N GLN A 430 20.43 27.88 22.08
CA GLN A 430 19.14 28.16 21.46
C GLN A 430 18.90 29.63 21.24
N PHE A 431 18.93 29.99 19.96
CA PHE A 431 18.74 31.34 19.48
C PHE A 431 17.27 31.77 19.57
N VAL A 432 16.43 31.10 18.78
CA VAL A 432 15.00 31.40 18.70
C VAL A 432 14.12 30.28 19.15
N LYS A 433 13.07 30.66 19.89
CA LYS A 433 12.06 29.76 20.43
C LYS A 433 10.69 30.23 19.99
N TRP A 434 9.77 29.30 19.78
CA TRP A 434 8.43 29.66 19.37
C TRP A 434 7.40 29.48 20.47
N ASP A 435 6.76 30.57 20.88
CA ASP A 435 5.72 30.51 21.89
C ASP A 435 4.40 30.31 21.19
N PRO A 436 3.75 29.17 21.43
CA PRO A 436 2.45 28.88 20.80
C PRO A 436 1.30 29.65 21.42
N LYS A 437 1.44 30.02 22.69
CA LYS A 437 0.40 30.75 23.40
C LYS A 437 0.03 32.05 22.71
N GLU A 438 1.04 32.73 22.17
CA GLU A 438 0.86 34.00 21.47
C GLU A 438 1.26 33.91 20.01
N ASP A 439 1.69 32.72 19.59
CA ASP A 439 2.19 32.48 18.23
C ASP A 439 3.21 33.56 17.92
N LYS A 440 4.32 33.50 18.64
CA LYS A 440 5.39 34.47 18.49
C LYS A 440 6.74 33.76 18.57
N HIS A 441 7.75 34.30 17.90
CA HIS A 441 9.09 33.74 17.95
C HIS A 441 9.88 34.62 18.88
N ILE A 442 10.43 34.03 19.92
CA ILE A 442 11.18 34.81 20.89
C ILE A 442 12.66 34.51 20.81
N GLU A 443 13.47 35.56 20.92
CA GLU A 443 14.91 35.35 20.92
C GLU A 443 15.17 34.99 22.38
N VAL A 444 15.87 33.88 22.56
CA VAL A 444 16.13 33.40 23.90
C VAL A 444 17.63 33.27 24.16
N SER A 445 18.39 33.82 23.21
CA SER A 445 19.85 33.86 23.27
C SER A 445 20.39 34.66 22.06
N PRO A 447 22.65 35.26 18.62
CA PRO A 447 22.97 34.40 17.48
C PRO A 447 24.49 34.27 17.39
N LYS A 448 25.08 33.43 18.24
CA LYS A 448 26.52 33.27 18.22
C LYS A 448 27.11 33.06 16.82
N LYS A 449 26.50 32.22 15.98
CA LYS A 449 27.00 31.98 14.63
C LYS A 449 27.30 33.25 13.86
N LEU A 450 26.68 34.34 14.28
CA LEU A 450 26.93 35.60 13.61
C LEU A 450 28.35 36.08 13.92
N GLU A 451 28.87 35.66 15.07
CA GLU A 451 30.22 36.04 15.48
C GLU A 451 31.24 35.24 14.68
N LYS A 452 30.93 33.98 14.44
CA LYS A 452 31.80 33.11 13.66
C LYS A 452 31.91 33.69 12.27
N ALA A 454 31.75 36.96 11.53
CA ALA A 454 32.62 38.11 11.61
C ALA A 454 34.02 37.61 11.41
N ASP A 455 34.31 36.50 12.07
CA ASP A 455 35.63 35.90 11.99
C ASP A 455 35.97 35.44 10.58
N PHE A 456 35.03 34.77 9.94
CA PHE A 456 35.21 34.31 8.57
C PHE A 456 35.46 35.59 7.76
N LEU A 457 34.38 36.33 7.49
CA LEU A 457 34.43 37.57 6.74
C LEU A 457 35.57 38.53 7.10
N GLY A 458 36.02 38.51 8.35
CA GLY A 458 37.08 39.42 8.75
C GLY A 458 36.59 40.83 9.04
N VAL A 459 35.36 40.93 9.52
CA VAL A 459 34.73 42.21 9.85
C VAL A 459 34.26 42.16 11.28
N SER A 460 33.46 43.13 11.68
CA SER A 460 32.94 43.17 13.05
C SER A 460 31.54 42.57 13.11
N VAL A 461 31.06 42.31 14.32
CA VAL A 461 29.74 41.75 14.50
C VAL A 461 28.65 42.73 14.11
N GLN A 462 28.78 43.94 14.60
CA GLN A 462 27.80 44.95 14.30
C GLN A 462 27.64 45.06 12.79
N GLU A 463 28.77 44.91 12.11
CA GLU A 463 28.82 44.97 10.66
C GLU A 463 27.97 43.87 10.04
N VAL A 464 28.20 42.63 10.46
CA VAL A 464 27.41 41.49 9.98
C VAL A 464 25.96 41.73 10.37
N TYR A 465 25.76 42.07 11.64
CA TYR A 465 24.42 42.31 12.16
C TYR A 465 23.68 43.30 11.27
N ASP A 466 24.43 44.25 10.75
CA ASP A 466 23.88 45.27 9.89
C ASP A 466 23.39 44.60 8.60
N GLU A 467 24.26 43.81 7.98
CA GLU A 467 23.89 43.12 6.75
C GLU A 467 22.67 42.21 6.97
N LEU A 469 20.13 42.70 9.06
CA LEU A 469 18.98 43.60 9.08
C LEU A 469 18.68 44.07 7.68
N SER A 470 19.74 44.23 6.91
CA SER A 470 19.60 44.65 5.53
C SER A 470 18.90 43.51 4.78
N ARG A 471 19.48 42.32 4.78
CA ARG A 471 18.86 41.19 4.07
C ARG A 471 17.41 40.99 4.52
N LYS A 472 17.18 41.20 5.81
CA LYS A 472 15.84 41.08 6.40
C LYS A 472 14.85 42.01 5.70
N ARG A 473 15.22 43.29 5.60
CA ARG A 473 14.39 44.31 4.95
C ARG A 473 14.06 43.86 3.55
N TYR A 474 15.10 43.45 2.83
CA TYR A 474 14.94 43.00 1.45
C TYR A 474 13.84 41.97 1.36
N LEU A 475 13.81 41.03 2.29
CA LEU A 475 12.79 39.97 2.25
C LEU A 475 11.41 40.51 2.52
N GLU A 476 11.26 41.29 3.59
CA GLU A 476 9.96 41.88 3.92
C GLU A 476 9.40 42.66 2.74
N LEU A 477 10.28 43.32 1.99
CA LEU A 477 9.86 44.10 0.81
C LEU A 477 9.32 43.19 -0.28
N LEU A 479 8.04 40.56 0.20
CA LEU A 479 6.76 40.13 0.71
C LEU A 479 5.72 41.18 0.33
N LYS A 480 5.91 42.42 0.80
CA LYS A 480 4.98 43.51 0.51
C LYS A 480 4.67 43.59 -0.97
N ARG A 481 5.65 43.34 -1.82
CA ARG A 481 5.43 43.41 -3.27
C ARG A 481 4.81 42.16 -3.86
N GLY A 482 4.48 41.21 -3.00
CA GLY A 482 3.86 39.98 -3.45
C GLY A 482 4.67 39.15 -4.42
N ILE A 483 5.97 39.02 -4.17
CA ILE A 483 6.84 38.20 -5.01
C ILE A 483 6.83 36.85 -4.31
N ARG A 484 5.93 35.96 -4.72
CA ARG A 484 5.82 34.68 -4.03
C ARG A 484 6.45 33.44 -4.65
N ASN A 485 6.36 33.32 -5.98
CA ASN A 485 6.93 32.19 -6.75
C ASN A 485 8.40 31.93 -6.56
N TYR A 486 8.80 30.65 -6.57
CA TYR A 486 10.19 30.31 -6.32
C TYR A 486 11.12 30.75 -7.44
N LYS A 487 10.66 30.62 -8.68
CA LYS A 487 11.47 31.05 -9.80
C LYS A 487 11.76 32.55 -9.64
N GLU A 488 10.71 33.35 -9.39
CA GLU A 488 10.87 34.79 -9.22
C GLU A 488 11.63 35.12 -7.93
N VAL A 489 11.31 34.43 -6.85
CA VAL A 489 12.02 34.71 -5.62
C VAL A 489 13.52 34.43 -5.76
N THR A 490 13.87 33.28 -6.32
CA THR A 490 15.27 32.94 -6.49
C THR A 490 15.97 33.99 -7.33
N ARG A 491 15.28 34.53 -8.33
CA ARG A 491 15.90 35.55 -9.17
C ARG A 491 16.27 36.80 -8.36
N TYR A 492 15.35 37.29 -7.54
CA TYR A 492 15.62 38.48 -6.74
C TYR A 492 16.66 38.25 -5.66
N ILE A 493 16.85 36.99 -5.28
CA ILE A 493 17.83 36.64 -4.26
C ILE A 493 19.17 36.55 -4.95
N HIS A 494 19.18 35.89 -6.09
CA HIS A 494 20.40 35.82 -6.84
C HIS A 494 20.80 37.27 -7.05
N ALA A 495 19.80 38.09 -7.32
CA ALA A 495 20.01 39.51 -7.54
C ALA A 495 20.89 40.14 -6.45
N TYR A 496 20.36 40.18 -5.25
CA TYR A 496 21.03 40.75 -4.09
C TYR A 496 22.47 40.23 -3.92
N TYR A 497 22.70 38.98 -4.28
CA TYR A 497 24.02 38.41 -4.16
C TYR A 497 24.93 39.19 -5.10
N ARG A 498 24.49 39.31 -6.36
CA ARG A 498 25.25 40.01 -7.38
C ARG A 498 25.58 41.44 -7.02
N ASN A 499 24.58 42.20 -6.57
CA ASN A 499 24.84 43.57 -6.17
C ASN A 499 23.75 44.02 -5.24
N PRO A 500 23.98 43.93 -3.94
CA PRO A 500 22.98 44.34 -2.95
C PRO A 500 22.60 45.80 -3.10
N GLU A 501 23.53 46.63 -3.55
CA GLU A 501 23.19 48.03 -3.71
C GLU A 501 22.10 48.19 -4.74
N LEU A 502 22.38 47.79 -5.99
CA LEU A 502 21.42 47.90 -7.07
C LEU A 502 20.17 47.08 -6.76
N ALA A 503 20.35 45.91 -6.17
CA ALA A 503 19.22 45.06 -5.85
C ALA A 503 18.21 45.76 -4.94
N THR A 505 17.73 48.98 -4.42
CA THR A 505 17.09 50.12 -5.08
C THR A 505 15.96 49.71 -5.97
N LYS A 506 16.19 48.69 -6.79
CA LYS A 506 15.13 48.21 -7.68
C LYS A 506 13.94 47.73 -6.84
N GLU A 508 12.97 48.82 -3.92
CA GLU A 508 12.27 49.97 -3.34
C GLU A 508 11.53 50.79 -4.41
N GLU A 509 11.90 50.55 -5.67
CA GLU A 509 11.28 51.23 -6.81
C GLU A 509 10.51 50.21 -7.65
N GLY A 510 9.64 49.45 -7.00
CA GLY A 510 8.82 48.43 -7.66
C GLY A 510 9.21 47.90 -9.02
N LEU A 511 10.46 47.47 -9.17
CA LEU A 511 10.95 46.94 -10.44
C LEU A 511 11.85 45.72 -10.22
N HIS B 5 -17.20 -25.06 -9.02
CA HIS B 5 -16.94 -26.46 -9.47
C HIS B 5 -18.23 -27.28 -9.49
N TYR B 6 -18.88 -27.39 -8.33
CA TYR B 6 -20.12 -28.17 -8.22
C TYR B 6 -21.34 -27.60 -8.90
N ASP B 7 -21.38 -26.30 -9.12
CA ASP B 7 -22.51 -25.69 -9.79
C ASP B 7 -22.43 -26.16 -11.25
N ILE B 8 -21.20 -26.23 -11.74
CA ILE B 8 -20.97 -26.69 -13.09
C ILE B 8 -21.48 -28.12 -13.12
N LEU B 9 -21.00 -28.94 -12.20
CA LEU B 9 -21.40 -30.33 -12.14
C LEU B 9 -22.93 -30.42 -12.05
N ARG B 10 -23.50 -29.81 -11.02
CA ARG B 10 -24.94 -29.83 -10.84
C ARG B 10 -25.69 -29.59 -12.16
N ARG B 11 -25.01 -28.98 -13.12
CA ARG B 11 -25.62 -28.71 -14.43
C ARG B 11 -25.81 -30.03 -15.16
N HIS B 12 -24.68 -30.64 -15.52
CA HIS B 12 -24.70 -31.91 -16.24
C HIS B 12 -25.22 -33.10 -15.43
N ILE B 13 -25.34 -32.93 -14.11
CA ILE B 13 -25.82 -34.00 -13.23
C ILE B 13 -26.54 -35.10 -13.97
N ARG B 14 -27.66 -34.75 -14.61
CA ARG B 14 -28.49 -35.69 -15.37
C ARG B 14 -29.42 -36.50 -14.45
N SER B 15 -29.46 -36.12 -13.18
CA SER B 15 -30.29 -36.78 -12.18
C SER B 15 -29.86 -36.41 -10.77
N GLU B 16 -30.69 -36.77 -9.80
CA GLU B 16 -30.41 -36.50 -8.41
C GLU B 16 -30.76 -37.76 -7.62
N ASP B 17 -30.62 -37.72 -6.30
CA ASP B 17 -30.89 -38.89 -5.47
C ASP B 17 -29.86 -39.97 -5.83
N LEU B 18 -28.61 -39.70 -5.47
CA LEU B 18 -27.48 -40.60 -5.74
C LEU B 18 -27.00 -41.17 -4.43
N LEU B 19 -27.49 -40.62 -3.33
CA LEU B 19 -27.10 -41.08 -2.00
C LEU B 19 -28.11 -42.02 -1.39
N GLU B 20 -27.61 -43.04 -0.70
CA GLU B 20 -28.46 -44.00 -0.02
C GLU B 20 -28.61 -43.60 1.45
N THR B 21 -28.76 -44.58 2.33
CA THR B 21 -28.90 -44.31 3.75
C THR B 21 -28.00 -45.29 4.50
N PRO B 22 -26.99 -44.76 5.19
CA PRO B 22 -26.01 -45.53 5.95
C PRO B 22 -26.58 -46.55 6.94
N GLU B 23 -25.74 -47.54 7.26
CA GLU B 23 -26.08 -48.64 8.15
C GLU B 23 -25.21 -48.67 9.42
N PHE B 24 -25.43 -47.73 10.32
CA PHE B 24 -24.64 -47.70 11.55
C PHE B 24 -25.23 -48.63 12.62
N GLY B 25 -24.57 -49.76 12.86
CA GLY B 25 -25.08 -50.70 13.84
C GLY B 25 -25.28 -50.07 15.20
N SER B 26 -25.81 -50.83 16.15
CA SER B 26 -26.01 -50.31 17.50
C SER B 26 -24.67 -49.89 18.10
N GLY B 27 -24.72 -49.09 19.15
CA GLY B 27 -23.50 -48.60 19.75
C GLY B 27 -23.04 -47.46 18.86
N SER B 28 -23.97 -47.05 18.01
CA SER B 28 -23.78 -45.98 17.06
C SER B 28 -25.14 -45.32 16.91
N ARG B 29 -25.18 -44.00 17.03
CA ARG B 29 -26.43 -43.24 16.92
C ARG B 29 -26.24 -41.93 16.16
N ILE B 30 -27.00 -41.71 15.10
CA ILE B 30 -26.82 -40.46 14.36
C ILE B 30 -27.13 -39.27 15.26
N VAL B 31 -26.22 -38.29 15.23
CA VAL B 31 -26.34 -37.09 16.02
C VAL B 31 -26.82 -35.94 15.16
N GLU B 32 -26.34 -35.93 13.93
CA GLU B 32 -26.73 -34.88 13.00
C GLU B 32 -26.30 -35.25 11.60
N GLU B 33 -27.09 -34.79 10.64
CA GLU B 33 -26.87 -35.03 9.23
C GLU B 33 -27.02 -33.70 8.49
N TYR B 34 -26.33 -33.54 7.37
CA TYR B 34 -26.42 -32.31 6.58
C TYR B 34 -25.62 -32.35 5.29
N TRP B 35 -26.27 -31.95 4.20
CA TRP B 35 -25.65 -31.92 2.89
C TRP B 35 -24.37 -31.10 2.89
N ILE B 36 -23.32 -31.60 2.25
CA ILE B 36 -22.11 -30.81 2.14
C ILE B 36 -22.26 -30.14 0.81
N GLN B 37 -22.67 -30.92 -0.18
CA GLN B 37 -22.90 -30.39 -1.51
C GLN B 37 -23.92 -31.31 -2.17
N GLU B 38 -25.21 -31.04 -1.95
CA GLU B 38 -26.22 -31.90 -2.56
C GLU B 38 -26.25 -31.83 -4.07
N PRO B 39 -26.68 -32.92 -4.72
CA PRO B 39 -27.13 -34.14 -4.05
C PRO B 39 -26.05 -35.23 -3.99
N PHE B 40 -24.78 -34.81 -3.92
CA PHE B 40 -23.67 -35.76 -3.91
C PHE B 40 -23.11 -36.10 -2.52
N THR B 41 -22.56 -35.09 -1.85
CA THR B 41 -21.96 -35.30 -0.54
C THR B 41 -22.90 -34.96 0.62
N LYS B 42 -22.59 -35.53 1.78
CA LYS B 42 -23.36 -35.33 3.00
C LYS B 42 -22.50 -35.71 4.20
N ALA B 43 -22.60 -34.95 5.28
CA ALA B 43 -21.84 -35.29 6.48
C ALA B 43 -22.80 -35.88 7.50
N ILE B 44 -22.38 -36.92 8.20
CA ILE B 44 -23.23 -37.54 9.21
C ILE B 44 -22.48 -37.72 10.51
N ILE B 45 -22.72 -36.83 11.46
CA ILE B 45 -22.06 -36.91 12.76
C ILE B 45 -22.68 -38.09 13.48
N VAL B 46 -21.87 -39.14 13.67
CA VAL B 46 -22.35 -40.34 14.34
C VAL B 46 -21.73 -40.53 15.72
N GLU B 47 -22.57 -40.90 16.69
CA GLU B 47 -22.09 -41.10 18.05
C GLU B 47 -21.87 -42.56 18.41
N ASN B 48 -20.61 -42.97 18.55
CA ASN B 48 -20.27 -44.34 18.96
C ASN B 48 -20.35 -44.27 20.48
N GLU B 49 -21.59 -44.26 20.98
CA GLU B 49 -21.92 -44.15 22.40
C GLU B 49 -21.15 -45.04 23.36
N ASP B 50 -20.64 -46.17 22.86
CA ASP B 50 -19.84 -47.08 23.67
C ASP B 50 -18.58 -46.34 24.08
N GLU B 51 -18.03 -45.58 23.13
CA GLU B 51 -16.81 -44.80 23.31
C GLU B 51 -17.09 -43.33 23.56
N PHE B 52 -18.31 -43.02 23.96
CA PHE B 52 -18.73 -41.66 24.26
C PHE B 52 -18.11 -40.52 23.44
N ARG B 53 -18.03 -40.71 22.13
CA ARG B 53 -17.48 -39.70 21.22
C ARG B 53 -18.23 -39.70 19.89
N ASN B 54 -17.96 -38.71 19.04
CA ASN B 54 -18.59 -38.63 17.73
C ASN B 54 -17.60 -39.00 16.63
N VAL B 55 -18.07 -39.24 15.42
CA VAL B 55 -17.16 -39.63 14.36
C VAL B 55 -17.61 -39.26 12.96
N TYR B 56 -17.16 -38.10 12.50
CA TYR B 56 -17.49 -37.59 11.17
C TYR B 56 -17.51 -38.61 10.00
N TYR B 57 -18.69 -38.79 9.39
CA TYR B 57 -18.82 -39.69 8.24
C TYR B 57 -19.03 -38.92 6.93
N ALA B 58 -18.02 -38.94 6.09
CA ALA B 58 -18.11 -38.26 4.81
C ALA B 58 -18.92 -39.19 3.93
N LEU B 59 -20.12 -38.76 3.57
CA LEU B 59 -20.97 -39.60 2.73
C LEU B 59 -20.97 -39.21 1.26
N GLU B 60 -20.54 -40.14 0.41
CA GLU B 60 -20.53 -39.88 -1.02
C GLU B 60 -21.44 -40.81 -1.79
N PRO B 61 -21.75 -40.48 -3.06
CA PRO B 61 -22.63 -41.35 -3.84
C PRO B 61 -22.09 -42.77 -3.93
N THR B 62 -22.92 -43.71 -3.52
CA THR B 62 -22.58 -45.13 -3.48
C THR B 62 -22.34 -45.79 -4.83
N VAL B 63 -21.37 -46.69 -4.83
CA VAL B 63 -21.00 -47.45 -6.01
C VAL B 63 -20.60 -48.86 -5.61
N SER B 64 -20.79 -49.81 -6.52
CA SER B 64 -20.47 -51.20 -6.27
C SER B 64 -19.08 -51.59 -6.77
N SER B 65 -18.55 -52.69 -6.25
CA SER B 65 -17.24 -53.18 -6.64
C SER B 65 -17.13 -53.23 -8.17
N GLU B 66 -18.24 -53.49 -8.84
CA GLU B 66 -18.27 -53.55 -10.29
C GLU B 66 -18.30 -52.14 -10.87
N GLU B 67 -19.20 -51.31 -10.34
CA GLU B 67 -19.37 -49.95 -10.80
C GLU B 67 -18.08 -49.17 -10.73
N ALA B 68 -17.54 -49.05 -9.51
CA ALA B 68 -16.30 -48.31 -9.31
C ALA B 68 -15.23 -48.76 -10.31
N GLU B 69 -15.20 -50.06 -10.60
CA GLU B 69 -14.25 -50.61 -11.55
C GLU B 69 -14.48 -49.98 -12.92
N VAL B 70 -15.74 -49.81 -13.29
CA VAL B 70 -16.09 -49.21 -14.56
C VAL B 70 -15.62 -47.75 -14.57
N ILE B 71 -15.93 -47.05 -13.47
CA ILE B 71 -15.55 -45.64 -13.32
C ILE B 71 -14.06 -45.53 -13.56
N SER B 72 -13.31 -46.21 -12.71
CA SER B 72 -11.86 -46.23 -12.81
C SER B 72 -11.44 -46.47 -14.26
N ALA B 73 -12.24 -47.24 -14.99
CA ALA B 73 -11.91 -47.51 -16.38
C ALA B 73 -11.91 -46.25 -17.24
N LEU B 74 -12.95 -45.44 -17.11
CA LEU B 74 -13.05 -44.22 -17.88
C LEU B 74 -11.92 -43.26 -17.50
N TYR B 75 -11.69 -43.14 -16.20
CA TYR B 75 -10.65 -42.25 -15.70
C TYR B 75 -9.34 -42.49 -16.41
N ASP B 76 -9.04 -43.75 -16.68
CA ASP B 76 -7.80 -44.12 -17.35
C ASP B 76 -7.72 -43.55 -18.75
N ASP B 77 -8.85 -43.56 -19.45
CA ASP B 77 -8.88 -43.00 -20.80
C ASP B 77 -8.85 -41.48 -20.71
N LEU B 78 -9.85 -40.92 -20.04
CA LEU B 78 -9.95 -39.47 -19.88
C LEU B 78 -8.63 -38.89 -19.38
N LYS B 79 -7.91 -39.68 -18.59
CA LYS B 79 -6.61 -39.30 -18.04
C LYS B 79 -5.67 -38.86 -19.14
N LYS B 80 -5.80 -39.48 -20.32
CA LYS B 80 -4.95 -39.16 -21.47
C LYS B 80 -5.08 -37.69 -21.84
N ILE B 81 -6.31 -37.19 -21.79
CA ILE B 81 -6.55 -35.79 -22.08
C ILE B 81 -5.80 -34.95 -21.06
N LEU B 82 -5.03 -33.98 -21.55
CA LEU B 82 -4.25 -33.11 -20.67
C LEU B 82 -5.04 -31.88 -20.26
N VAL B 83 -5.76 -31.32 -21.22
CA VAL B 83 -6.56 -30.12 -21.00
C VAL B 83 -7.29 -30.11 -19.67
N LEU B 84 -8.19 -31.07 -19.49
CA LEU B 84 -8.99 -31.17 -18.27
C LEU B 84 -8.20 -31.28 -16.98
N GLN B 85 -6.92 -31.63 -17.08
CA GLN B 85 -6.07 -31.75 -15.91
C GLN B 85 -5.05 -30.60 -15.90
N ASP B 86 -5.38 -29.54 -16.64
CA ASP B 86 -4.53 -28.36 -16.74
C ASP B 86 -5.16 -27.22 -15.94
N VAL B 87 -4.41 -26.70 -14.96
CA VAL B 87 -4.89 -25.62 -14.09
C VAL B 87 -5.13 -24.27 -14.75
N SER B 88 -4.32 -23.95 -15.75
CA SER B 88 -4.42 -22.69 -16.46
C SER B 88 -5.73 -22.54 -17.23
N VAL B 89 -6.43 -23.66 -17.42
CA VAL B 89 -7.69 -23.65 -18.17
C VAL B 89 -8.90 -23.35 -17.30
N ASP B 90 -9.90 -22.73 -17.91
CA ASP B 90 -11.13 -22.39 -17.21
C ASP B 90 -11.85 -23.69 -16.84
N LEU B 91 -12.12 -23.86 -15.55
CA LEU B 91 -12.79 -25.04 -15.06
C LEU B 91 -14.04 -25.36 -15.88
N GLU B 92 -14.82 -24.32 -16.17
CA GLU B 92 -16.05 -24.49 -16.94
C GLU B 92 -15.88 -25.17 -18.31
N GLU B 93 -14.91 -24.73 -19.12
CA GLU B 93 -14.76 -25.36 -20.43
C GLU B 93 -14.10 -26.73 -20.38
N ARG B 94 -13.21 -26.95 -19.43
CA ARG B 94 -12.56 -28.26 -19.33
C ARG B 94 -13.53 -29.20 -18.63
N ALA B 95 -14.60 -28.63 -18.09
CA ALA B 95 -15.62 -29.41 -17.40
C ALA B 95 -16.48 -30.02 -18.51
N GLU B 96 -16.47 -29.37 -19.67
CA GLU B 96 -17.22 -29.83 -20.82
C GLU B 96 -16.32 -30.74 -21.64
N VAL B 97 -15.04 -30.39 -21.69
CA VAL B 97 -14.06 -31.20 -22.42
C VAL B 97 -14.19 -32.59 -21.84
N LEU B 98 -14.71 -32.64 -20.62
CA LEU B 98 -14.91 -33.90 -19.92
C LEU B 98 -16.22 -34.56 -20.34
N VAL B 99 -17.33 -33.84 -20.21
CA VAL B 99 -18.62 -34.42 -20.57
C VAL B 99 -18.70 -34.77 -22.06
N ARG B 100 -18.15 -33.89 -22.90
CA ARG B 100 -18.13 -34.08 -24.35
C ARG B 100 -17.25 -35.27 -24.72
N ALA B 101 -16.27 -35.55 -23.87
CA ALA B 101 -15.34 -36.65 -24.09
C ALA B 101 -15.94 -37.96 -23.60
N ILE B 102 -16.70 -37.89 -22.52
CA ILE B 102 -17.32 -39.09 -22.01
C ILE B 102 -18.38 -39.52 -23.02
N GLU B 103 -18.97 -38.54 -23.71
CA GLU B 103 -19.97 -38.81 -24.73
C GLU B 103 -19.37 -39.67 -25.82
N LYS B 104 -18.17 -39.28 -26.25
CA LYS B 104 -17.45 -40.01 -27.27
C LYS B 104 -17.32 -41.45 -26.79
N LEU B 105 -16.35 -41.67 -25.91
CA LEU B 105 -16.08 -43.00 -25.37
C LEU B 105 -17.34 -43.83 -25.11
N SER B 106 -18.44 -43.18 -24.70
CA SER B 106 -19.67 -43.91 -24.43
C SER B 106 -20.29 -44.45 -25.72
N LYS B 107 -20.84 -43.55 -26.53
CA LYS B 107 -21.48 -43.90 -27.80
C LYS B 107 -20.60 -44.79 -28.69
N GLU B 108 -19.30 -44.55 -28.67
CA GLU B 108 -18.39 -45.35 -29.47
C GLU B 108 -18.41 -46.80 -29.02
N TYR B 109 -18.03 -47.05 -27.76
CA TYR B 109 -18.05 -48.41 -27.24
C TYR B 109 -19.49 -48.92 -27.22
N ALA B 110 -20.39 -48.14 -27.83
CA ALA B 110 -21.79 -48.49 -27.92
C ALA B 110 -22.43 -48.88 -26.59
N VAL B 111 -22.49 -47.93 -25.66
CA VAL B 111 -23.09 -48.20 -24.36
C VAL B 111 -23.79 -46.96 -23.84
N SER B 112 -24.86 -47.17 -23.07
CA SER B 112 -25.63 -46.10 -22.47
C SER B 112 -25.79 -46.43 -20.99
N PHE B 113 -25.26 -45.57 -20.13
CA PHE B 113 -25.34 -45.81 -18.69
C PHE B 113 -26.70 -45.40 -18.14
N THR B 114 -26.84 -45.51 -16.82
CA THR B 114 -28.08 -45.14 -16.14
C THR B 114 -28.05 -43.64 -15.88
N ASP B 115 -29.21 -42.99 -16.00
CA ASP B 115 -29.26 -41.57 -15.73
C ASP B 115 -28.69 -41.30 -14.35
N ASN B 116 -28.85 -42.29 -13.47
CA ASN B 116 -28.34 -42.16 -12.11
C ASN B 116 -26.85 -42.45 -12.10
N PHE B 117 -26.45 -43.65 -12.52
CA PHE B 117 -25.04 -44.02 -12.56
C PHE B 117 -24.19 -42.97 -13.29
N TYR B 118 -24.82 -42.10 -14.06
CA TYR B 118 -24.06 -41.06 -14.74
C TYR B 118 -23.90 -39.98 -13.67
N SER B 119 -25.04 -39.51 -13.17
CA SER B 119 -25.07 -38.50 -12.13
C SER B 119 -24.47 -39.12 -10.88
N ARG B 120 -23.39 -39.86 -11.06
CA ARG B 120 -22.75 -40.52 -9.95
C ARG B 120 -21.33 -40.72 -10.38
N LEU B 122 -20.21 -39.16 -12.90
CA LEU B 122 -19.84 -37.78 -13.19
C LEU B 122 -19.23 -37.14 -11.96
N TYR B 123 -19.89 -37.36 -10.82
CA TYR B 123 -19.40 -36.81 -9.57
C TYR B 123 -17.95 -37.23 -9.34
N TYR B 124 -17.68 -38.52 -9.45
CA TYR B 124 -16.33 -39.03 -9.22
C TYR B 124 -15.28 -38.50 -10.17
N LEU B 125 -15.61 -38.42 -11.46
CA LEU B 125 -14.64 -37.91 -12.42
C LEU B 125 -14.24 -36.48 -12.08
N PHE B 126 -15.25 -35.63 -11.87
CA PHE B 126 -14.98 -34.24 -11.51
C PHE B 126 -14.12 -34.24 -10.26
N ARG B 127 -14.56 -34.97 -9.24
CA ARG B 127 -13.83 -35.02 -7.99
C ARG B 127 -12.33 -35.28 -8.18
N ASP B 128 -12.00 -36.45 -8.73
CA ASP B 128 -10.61 -36.82 -8.93
C ASP B 128 -9.87 -36.03 -10.02
N PHE B 129 -10.59 -35.27 -10.82
CA PHE B 129 -9.93 -34.48 -11.86
C PHE B 129 -9.73 -33.03 -11.41
N PHE B 130 -10.83 -32.41 -11.02
CA PHE B 130 -10.83 -31.02 -10.59
C PHE B 130 -10.75 -30.87 -9.07
N GLY B 131 -11.57 -31.64 -8.36
CA GLY B 131 -11.61 -31.58 -6.89
C GLY B 131 -10.38 -32.04 -6.13
N TYR B 132 -10.57 -32.35 -4.85
CA TYR B 132 -9.46 -32.79 -3.98
C TYR B 132 -9.45 -34.29 -3.73
N GLY B 133 -10.12 -35.04 -4.60
CA GLY B 133 -10.12 -36.49 -4.44
C GLY B 133 -10.71 -36.99 -3.14
N LEU B 134 -10.11 -38.06 -2.62
CA LEU B 134 -10.61 -38.69 -1.40
C LEU B 134 -11.02 -37.74 -0.29
N ILE B 135 -10.31 -36.62 -0.16
CA ILE B 135 -10.62 -35.66 0.91
C ILE B 135 -11.55 -34.52 0.48
N ASP B 136 -11.94 -34.51 -0.78
CA ASP B 136 -12.81 -33.46 -1.32
C ASP B 136 -13.96 -33.09 -0.40
N PRO B 137 -14.69 -34.09 0.11
CA PRO B 137 -15.81 -33.80 1.00
C PRO B 137 -15.34 -32.98 2.19
N LEU B 138 -14.19 -33.36 2.76
CA LEU B 138 -13.68 -32.63 3.90
C LEU B 138 -13.26 -31.22 3.46
N GLU B 140 -14.61 -29.65 1.33
CA GLU B 140 -15.81 -28.91 1.01
C GLU B 140 -16.57 -28.45 2.25
N ASP B 141 -16.96 -29.40 3.09
CA ASP B 141 -17.70 -29.10 4.31
C ASP B 141 -17.17 -27.87 5.06
N THR B 142 -17.94 -26.79 4.98
CA THR B 142 -17.63 -25.51 5.61
C THR B 142 -17.32 -25.64 7.09
N ASN B 143 -17.82 -26.70 7.71
CA ASN B 143 -17.58 -26.89 9.13
C ASN B 143 -16.19 -27.38 9.44
N VAL B 144 -15.58 -28.10 8.51
CA VAL B 144 -14.24 -28.60 8.75
C VAL B 144 -13.26 -27.45 8.59
N GLU B 145 -12.45 -27.21 9.61
CA GLU B 145 -11.48 -26.12 9.56
C GLU B 145 -10.08 -26.66 9.33
N ASP B 146 -9.86 -27.89 9.77
CA ASP B 146 -8.56 -28.53 9.60
C ASP B 146 -8.72 -29.97 9.23
N ILE B 147 -7.71 -30.46 8.54
CA ILE B 147 -7.66 -31.83 8.09
C ILE B 147 -6.28 -32.31 8.48
N SER B 148 -6.23 -33.43 9.21
CA SER B 148 -4.97 -33.99 9.65
C SER B 148 -4.88 -35.49 9.34
N CYS B 149 -3.97 -35.86 8.43
CA CYS B 149 -3.77 -37.24 8.02
C CYS B 149 -2.38 -37.67 8.48
N ASP B 150 -2.34 -38.36 9.63
CA ASP B 150 -1.07 -38.80 10.24
C ASP B 150 -0.20 -39.80 9.49
N GLY B 151 -0.79 -40.72 8.74
CA GLY B 151 0.02 -41.69 8.03
C GLY B 151 -0.73 -42.83 7.39
N TYR B 152 0.04 -43.83 6.98
CA TYR B 152 -0.52 -45.00 6.34
C TYR B 152 -1.53 -45.71 7.25
N ASN B 153 -2.70 -46.00 6.67
CA ASN B 153 -3.80 -46.70 7.32
C ASN B 153 -4.37 -46.01 8.57
N ILE B 154 -3.98 -44.76 8.80
CA ILE B 154 -4.47 -44.03 9.97
C ILE B 154 -5.61 -43.13 9.55
N PRO B 155 -6.76 -43.23 10.24
CA PRO B 155 -7.90 -42.38 9.88
C PRO B 155 -7.59 -40.89 9.89
N ILE B 156 -8.20 -40.16 8.96
CA ILE B 156 -7.96 -38.74 8.93
C ILE B 156 -8.76 -38.15 10.08
N PHE B 157 -8.18 -37.15 10.73
CA PHE B 157 -8.85 -36.47 11.82
C PHE B 157 -9.09 -35.05 11.32
N ILE B 158 -10.12 -34.40 11.83
CA ILE B 158 -10.43 -33.04 11.41
C ILE B 158 -10.90 -32.26 12.60
N TYR B 159 -10.94 -30.94 12.44
CA TYR B 159 -11.45 -30.10 13.50
C TYR B 159 -12.78 -29.55 12.98
N HIS B 160 -13.87 -30.00 13.59
CA HIS B 160 -15.21 -29.57 13.21
C HIS B 160 -15.65 -28.36 14.01
N GLN B 161 -16.14 -27.35 13.28
CA GLN B 161 -16.60 -26.10 13.87
C GLN B 161 -17.59 -26.29 14.99
N LYS B 162 -18.14 -27.48 15.11
CA LYS B 162 -19.10 -27.70 16.19
C LYS B 162 -18.70 -28.86 17.09
N TYR B 163 -18.00 -29.85 16.53
CA TYR B 163 -17.58 -30.98 17.35
C TYR B 163 -16.08 -31.00 17.65
N GLY B 164 -15.35 -30.02 17.12
CA GLY B 164 -13.92 -29.98 17.37
C GLY B 164 -13.21 -31.20 16.83
N ASN B 165 -12.23 -31.68 17.58
CA ASN B 165 -11.46 -32.84 17.17
C ASN B 165 -12.42 -34.03 17.02
N VAL B 166 -12.34 -34.72 15.88
CA VAL B 166 -13.19 -35.87 15.61
C VAL B 166 -12.53 -36.83 14.63
N GLU B 167 -12.72 -38.13 14.87
CA GLU B 167 -12.17 -39.13 13.97
C GLU B 167 -13.06 -39.17 12.71
N THR B 168 -12.43 -39.42 11.57
CA THR B 168 -13.11 -39.46 10.29
C THR B 168 -13.10 -40.84 9.68
N ASN B 169 -14.04 -41.11 8.78
CA ASN B 169 -14.13 -42.42 8.14
C ASN B 169 -13.18 -42.60 6.94
N ILE B 170 -12.68 -41.50 6.41
CA ILE B 170 -11.76 -41.49 5.27
C ILE B 170 -10.36 -41.93 5.68
N VAL B 171 -9.88 -43.03 5.08
CA VAL B 171 -8.56 -43.58 5.37
C VAL B 171 -7.76 -43.94 4.13
N LEU B 172 -6.57 -43.35 4.03
CA LEU B 172 -5.71 -43.59 2.89
C LEU B 172 -4.55 -44.54 3.23
N ASP B 173 -4.33 -45.52 2.36
CA ASP B 173 -3.25 -46.50 2.54
C ASP B 173 -2.03 -45.88 1.88
N GLN B 174 -0.89 -46.53 2.04
CA GLN B 174 0.35 -46.02 1.45
C GLN B 174 0.21 -45.57 -0.02
N GLU B 175 -0.17 -46.51 -0.88
CA GLU B 175 -0.32 -46.18 -2.29
C GLU B 175 -1.16 -44.91 -2.46
N LYS B 176 -2.30 -44.86 -1.78
CA LYS B 176 -3.22 -43.73 -1.87
C LYS B 176 -2.69 -42.44 -1.25
N LEU B 177 -2.16 -42.56 -0.04
CA LEU B 177 -1.63 -41.41 0.68
C LEU B 177 -0.45 -40.72 -0.04
N ASP B 178 0.51 -41.51 -0.53
CA ASP B 178 1.67 -40.98 -1.24
C ASP B 178 1.22 -40.13 -2.44
N ARG B 179 0.30 -40.68 -3.20
CA ARG B 179 -0.24 -39.99 -4.37
C ARG B 179 -0.83 -38.68 -3.87
N VAL B 181 -0.36 -36.90 -1.22
CA VAL B 181 0.63 -35.90 -0.87
C VAL B 181 1.24 -35.28 -2.14
N LEU B 182 1.73 -36.11 -3.06
CA LEU B 182 2.33 -35.58 -4.28
C LEU B 182 1.33 -34.65 -4.98
N ARG B 183 0.09 -35.11 -5.08
CA ARG B 183 -0.96 -34.32 -5.69
C ARG B 183 -1.07 -32.97 -4.98
N LEU B 184 -1.33 -33.00 -3.68
CA LEU B 184 -1.46 -31.76 -2.91
C LEU B 184 -0.24 -30.87 -3.11
N THR B 185 0.94 -31.45 -2.92
CA THR B 185 2.21 -30.76 -3.06
C THR B 185 2.34 -30.10 -4.45
N GLN B 186 2.23 -30.93 -5.48
CA GLN B 186 2.32 -30.46 -6.86
C GLN B 186 1.31 -29.32 -7.08
N ARG B 187 0.07 -29.56 -6.66
CA ARG B 187 -1.01 -28.59 -6.79
C ARG B 187 -0.66 -27.25 -6.18
N SER B 188 0.42 -27.23 -5.39
CA SER B 188 0.87 -26.01 -4.73
C SER B 188 2.15 -25.50 -5.36
N GLY B 189 2.44 -25.97 -6.57
CA GLY B 189 3.64 -25.55 -7.27
C GLY B 189 4.95 -26.08 -6.71
N LYS B 190 4.96 -26.45 -5.43
CA LYS B 190 6.16 -26.96 -4.81
C LYS B 190 6.32 -28.46 -5.10
N HIS B 191 7.53 -28.98 -4.93
CA HIS B 191 7.80 -30.39 -5.19
C HIS B 191 8.20 -31.12 -3.91
N ILE B 192 7.81 -32.39 -3.81
CA ILE B 192 8.19 -33.18 -2.64
C ILE B 192 8.74 -34.52 -3.10
N SER B 193 9.61 -35.11 -2.29
CA SER B 193 10.22 -36.39 -2.65
C SER B 193 11.11 -36.89 -1.53
N ILE B 194 11.65 -38.09 -1.71
CA ILE B 194 12.53 -38.68 -0.72
C ILE B 194 13.74 -37.79 -0.47
N ALA B 195 14.16 -37.06 -1.49
CA ALA B 195 15.29 -36.17 -1.36
C ALA B 195 14.94 -35.04 -0.37
N ASN B 196 13.81 -34.38 -0.63
CA ASN B 196 13.32 -33.30 0.23
C ASN B 196 11.89 -33.66 0.55
N PRO B 197 11.69 -34.38 1.67
CA PRO B 197 10.40 -34.86 2.18
C PRO B 197 9.44 -33.97 2.97
N ILE B 198 9.83 -32.75 3.32
CA ILE B 198 8.95 -31.87 4.07
C ILE B 198 8.57 -30.66 3.23
N VAL B 199 7.30 -30.29 3.24
CA VAL B 199 6.86 -29.13 2.47
C VAL B 199 5.88 -28.23 3.20
N ASP B 200 6.19 -26.94 3.19
CA ASP B 200 5.34 -25.94 3.79
C ASP B 200 4.90 -25.09 2.61
N ALA B 201 3.65 -25.26 2.19
CA ALA B 201 3.10 -24.51 1.05
C ALA B 201 1.68 -23.99 1.28
N THR B 202 1.09 -23.41 0.25
CA THR B 202 -0.28 -22.90 0.30
C THR B 202 -1.00 -23.32 -0.98
N LEU B 203 -2.18 -23.92 -0.80
CA LEU B 203 -2.97 -24.40 -1.92
C LEU B 203 -3.51 -23.22 -2.72
N PRO B 204 -3.91 -23.48 -3.98
CA PRO B 204 -4.46 -22.46 -4.87
C PRO B 204 -5.50 -21.55 -4.24
N ASP B 205 -6.31 -22.11 -3.36
CA ASP B 205 -7.36 -21.36 -2.71
C ASP B 205 -6.86 -20.62 -1.46
N GLY B 206 -5.61 -20.84 -1.05
CA GLY B 206 -5.12 -20.14 0.11
C GLY B 206 -4.89 -21.00 1.35
N SER B 207 -5.49 -22.18 1.38
CA SER B 207 -5.33 -23.09 2.51
C SER B 207 -3.85 -23.47 2.67
N ARG B 208 -3.37 -23.51 3.91
CA ARG B 208 -1.97 -23.84 4.13
C ARG B 208 -1.70 -25.36 4.26
N LEU B 209 -0.69 -25.84 3.51
CA LEU B 209 -0.32 -27.26 3.49
C LEU B 209 1.00 -27.55 4.20
N GLN B 210 1.04 -28.66 4.92
CA GLN B 210 2.23 -29.10 5.64
C GLN B 210 2.26 -30.56 5.29
N ALA B 211 3.17 -30.97 4.41
CA ALA B 211 3.22 -32.38 4.04
C ALA B 211 4.55 -33.03 4.33
N THR B 212 4.54 -34.35 4.30
CA THR B 212 5.74 -35.15 4.53
C THR B 212 5.66 -36.33 3.58
N PHE B 213 6.79 -36.76 3.03
CA PHE B 213 6.77 -37.87 2.09
C PHE B 213 7.51 -39.12 2.58
N GLY B 214 6.91 -40.27 2.28
CA GLY B 214 7.50 -41.53 2.67
C GLY B 214 7.69 -41.69 4.15
N THR B 215 8.71 -42.46 4.51
CA THR B 215 9.04 -42.71 5.91
C THR B 215 10.46 -42.23 6.17
N GLU B 216 10.95 -41.39 5.27
CA GLU B 216 12.30 -40.82 5.35
C GLU B 216 12.50 -40.17 6.71
N VAL B 217 11.71 -39.14 6.98
CA VAL B 217 11.82 -38.41 8.22
C VAL B 217 10.57 -38.69 9.07
N THR B 218 9.60 -39.32 8.44
CA THR B 218 8.35 -39.63 9.09
C THR B 218 7.95 -41.08 8.97
N PRO B 219 8.33 -41.92 9.94
CA PRO B 219 7.91 -43.32 9.80
C PRO B 219 6.39 -43.27 10.01
N ARG B 220 5.69 -44.36 9.75
CA ARG B 220 4.23 -44.41 9.86
C ARG B 220 3.65 -43.99 8.52
N GLY B 221 4.55 -43.64 7.62
CA GLY B 221 4.17 -43.23 6.28
C GLY B 221 4.05 -41.74 6.06
N SER B 222 3.76 -41.39 4.81
CA SER B 222 3.60 -40.01 4.39
C SER B 222 2.41 -39.43 5.14
N SER B 223 2.39 -38.11 5.26
CA SER B 223 1.31 -37.44 5.95
C SER B 223 1.22 -36.01 5.48
N PHE B 224 0.08 -35.40 5.75
CA PHE B 224 -0.13 -34.03 5.37
C PHE B 224 -1.12 -33.43 6.34
N THR B 225 -1.20 -32.11 6.34
CA THR B 225 -2.10 -31.40 7.22
C THR B 225 -2.55 -30.13 6.54
N ILE B 226 -3.87 -29.94 6.43
CA ILE B 226 -4.38 -28.77 5.76
C ILE B 226 -5.12 -27.90 6.75
N ARG B 227 -4.94 -26.59 6.62
CA ARG B 227 -5.63 -25.61 7.45
C ARG B 227 -6.41 -24.83 6.41
N LYS B 228 -7.68 -25.16 6.25
CA LYS B 228 -8.51 -24.53 5.24
C LYS B 228 -8.56 -23.03 5.39
N PHE B 229 -8.80 -22.33 4.28
CA PHE B 229 -8.84 -20.87 4.28
C PHE B 229 -10.33 -20.44 4.10
N THR B 230 -10.91 -19.78 5.10
CA THR B 230 -12.28 -19.31 4.95
C THR B 230 -12.34 -18.26 3.82
N ILE B 231 -13.27 -18.43 2.87
CA ILE B 231 -13.46 -17.51 1.70
C ILE B 231 -14.03 -16.16 2.11
N GLU B 232 -14.88 -16.16 3.14
CA GLU B 232 -15.48 -14.91 3.61
C GLU B 232 -14.79 -14.30 4.82
N PRO B 233 -14.22 -13.10 4.65
CA PRO B 233 -13.49 -12.28 5.62
C PRO B 233 -14.24 -11.90 6.88
N LEU B 234 -13.74 -12.33 8.03
CA LEU B 234 -14.41 -11.96 9.26
C LEU B 234 -14.34 -10.45 9.38
N THR B 235 -15.40 -9.83 9.88
CA THR B 235 -15.41 -8.37 10.04
C THR B 235 -15.33 -7.97 11.50
N PRO B 236 -14.99 -6.70 11.78
CA PRO B 236 -14.91 -6.29 13.19
C PRO B 236 -16.20 -6.60 13.96
N ILE B 237 -17.31 -6.73 13.24
CA ILE B 237 -18.56 -7.07 13.92
C ILE B 237 -18.43 -8.54 14.28
N ASP B 238 -17.98 -9.33 13.30
CA ASP B 238 -17.79 -10.75 13.53
C ASP B 238 -16.93 -10.91 14.77
N LEU B 239 -15.89 -10.08 14.88
CA LEU B 239 -14.99 -10.15 16.02
C LEU B 239 -15.59 -9.73 17.38
N ILE B 240 -16.57 -8.83 17.35
CA ILE B 240 -17.20 -8.39 18.59
C ILE B 240 -18.14 -9.49 19.06
N GLU B 241 -18.84 -10.05 18.08
CA GLU B 241 -19.81 -11.11 18.30
C GLU B 241 -19.12 -12.37 18.83
N LYS B 242 -17.95 -12.67 18.29
CA LYS B 242 -17.21 -13.87 18.69
C LYS B 242 -16.43 -13.74 20.01
N GLY B 243 -16.56 -12.61 20.68
CA GLY B 243 -15.87 -12.40 21.94
C GLY B 243 -14.35 -12.35 21.84
N THR B 244 -13.85 -12.24 20.60
CA THR B 244 -12.44 -12.20 20.32
C THR B 244 -11.80 -10.83 20.64
N VAL B 245 -12.53 -9.75 20.37
CA VAL B 245 -12.05 -8.38 20.63
C VAL B 245 -13.25 -7.51 21.05
N PRO B 246 -13.11 -6.72 22.14
CA PRO B 246 -14.18 -5.85 22.63
C PRO B 246 -14.53 -4.75 21.62
N SER B 247 -15.79 -4.30 21.60
CA SER B 247 -16.20 -3.24 20.66
C SER B 247 -15.45 -1.93 20.95
N GLY B 248 -15.05 -1.73 22.21
CA GLY B 248 -14.31 -0.55 22.60
C GLY B 248 -12.91 -0.56 21.99
N VAL B 249 -12.21 -1.67 22.14
CA VAL B 249 -10.87 -1.79 21.57
C VAL B 249 -11.03 -1.59 20.08
N LEU B 250 -12.06 -2.19 19.50
CA LEU B 250 -12.28 -2.06 18.07
C LEU B 250 -12.48 -0.59 17.67
N ALA B 251 -13.21 0.16 18.49
CA ALA B 251 -13.43 1.59 18.21
C ALA B 251 -12.08 2.26 18.32
N TYR B 252 -11.37 1.96 19.39
CA TYR B 252 -10.07 2.54 19.59
C TYR B 252 -9.23 2.36 18.33
N LEU B 253 -9.22 1.14 17.79
CA LEU B 253 -8.42 0.82 16.60
C LEU B 253 -8.91 1.53 15.35
N TRP B 254 -10.22 1.73 15.25
CA TRP B 254 -10.81 2.43 14.13
C TRP B 254 -10.14 3.80 14.04
N LEU B 255 -10.24 4.56 15.14
CA LEU B 255 -9.65 5.90 15.22
C LEU B 255 -8.17 5.84 14.91
N ALA B 256 -7.52 4.85 15.49
CA ALA B 256 -6.10 4.66 15.32
C ALA B 256 -5.66 4.48 13.86
N ILE B 257 -6.39 3.68 13.09
CA ILE B 257 -5.97 3.48 11.71
C ILE B 257 -6.38 4.67 10.84
N GLU B 258 -7.40 5.40 11.30
CA GLU B 258 -7.88 6.59 10.59
C GLU B 258 -6.79 7.64 10.69
N HIS B 259 -6.26 7.76 11.90
CA HIS B 259 -5.19 8.70 12.21
C HIS B 259 -3.84 8.10 11.88
N LYS B 260 -3.85 7.17 10.93
CA LYS B 260 -2.65 6.50 10.44
C LYS B 260 -1.60 5.94 11.40
N PHE B 261 -2.02 5.45 12.58
CA PHE B 261 -1.05 4.86 13.50
C PHE B 261 -0.73 3.51 12.92
N SER B 262 0.55 3.17 12.86
CA SER B 262 0.93 1.88 12.29
C SER B 262 0.88 0.81 13.35
N ALA B 263 0.39 -0.38 12.98
CA ALA B 263 0.28 -1.46 13.95
C ALA B 263 0.68 -2.79 13.34
N ILE B 264 1.04 -3.71 14.22
CA ILE B 264 1.44 -5.04 13.79
C ILE B 264 0.67 -5.98 14.68
N VAL B 265 0.10 -7.03 14.10
CA VAL B 265 -0.63 -7.99 14.92
C VAL B 265 0.20 -9.28 14.97
N VAL B 266 0.68 -9.55 16.20
CA VAL B 266 1.53 -10.68 16.57
C VAL B 266 0.77 -11.92 17.09
N GLY B 267 1.37 -13.09 16.90
CA GLY B 267 0.75 -14.31 17.36
C GLY B 267 1.47 -15.57 16.86
N GLU B 268 0.99 -16.73 17.30
CA GLU B 268 1.61 -17.97 16.87
C GLU B 268 1.08 -18.31 15.50
N THR B 269 1.81 -19.16 14.78
CA THR B 269 1.36 -19.56 13.47
C THR B 269 -0.04 -20.16 13.66
N ALA B 270 -1.00 -19.66 12.88
CA ALA B 270 -2.39 -20.14 12.91
C ALA B 270 -3.23 -19.59 14.05
N SER B 271 -2.75 -18.55 14.70
CA SER B 271 -3.44 -17.91 15.82
C SER B 271 -4.51 -16.88 15.42
N GLY B 272 -4.82 -16.75 14.13
CA GLY B 272 -5.82 -15.78 13.70
C GLY B 272 -5.28 -14.39 13.40
N LYS B 273 -3.98 -14.25 13.23
CA LYS B 273 -3.37 -12.95 12.96
C LYS B 273 -3.91 -12.27 11.70
N THR B 274 -3.91 -12.97 10.58
CA THR B 274 -4.38 -12.37 9.33
C THR B 274 -5.84 -12.02 9.42
N THR B 275 -6.59 -12.94 9.99
CA THR B 275 -8.01 -12.69 10.11
C THR B 275 -8.26 -11.36 10.76
N THR B 276 -7.61 -11.12 11.90
CA THR B 276 -7.74 -9.86 12.63
C THR B 276 -7.27 -8.65 11.82
N LEU B 277 -6.08 -8.76 11.23
CA LEU B 277 -5.56 -7.67 10.43
C LEU B 277 -6.58 -7.30 9.36
N ASN B 278 -7.07 -8.31 8.63
CA ASN B 278 -8.06 -8.03 7.58
C ASN B 278 -9.29 -7.31 8.13
N ALA B 279 -9.78 -7.78 9.27
CA ALA B 279 -10.96 -7.19 9.91
C ALA B 279 -10.78 -5.72 10.22
N ILE B 280 -9.75 -5.39 10.99
CA ILE B 280 -9.53 -3.99 11.33
C ILE B 280 -9.08 -3.14 10.14
N PHE B 283 -11.31 -0.52 8.46
CA PHE B 283 -11.48 0.82 9.02
C PHE B 283 -10.71 1.85 8.17
N ILE B 284 -10.18 1.43 7.03
CA ILE B 284 -9.45 2.40 6.22
C ILE B 284 -10.40 3.37 5.57
N PRO B 285 -10.07 4.67 5.65
CA PRO B 285 -10.95 5.67 5.05
C PRO B 285 -11.08 5.40 3.55
N PRO B 286 -12.31 5.41 3.06
CA PRO B 286 -12.72 5.17 1.68
C PRO B 286 -11.92 5.63 0.47
N ASP B 287 -11.47 6.87 0.45
CA ASP B 287 -10.75 7.33 -0.74
C ASP B 287 -9.24 7.09 -0.73
N ALA B 288 -8.68 6.90 0.46
CA ALA B 288 -7.24 6.67 0.60
C ALA B 288 -6.68 5.69 -0.42
N LYS B 289 -5.38 5.72 -0.60
CA LYS B 289 -4.69 4.83 -1.53
C LYS B 289 -4.06 3.66 -0.78
N VAL B 290 -4.58 2.46 -0.99
CA VAL B 290 -4.06 1.29 -0.30
C VAL B 290 -3.19 0.43 -1.20
N VAL B 291 -2.08 -0.01 -0.64
CA VAL B 291 -1.15 -0.88 -1.35
C VAL B 291 -0.92 -2.09 -0.44
N SER B 292 -1.10 -3.29 -0.98
CA SER B 292 -0.91 -4.50 -0.19
C SER B 292 0.10 -5.43 -0.83
N ILE B 293 1.09 -5.87 -0.07
CA ILE B 293 2.06 -6.80 -0.60
C ILE B 293 1.95 -8.10 0.18
N GLU B 294 1.86 -9.23 -0.51
CA GLU B 294 1.74 -10.51 0.19
C GLU B 294 2.41 -11.62 -0.63
N ASP B 295 2.69 -12.75 0.01
CA ASP B 295 3.30 -13.88 -0.69
C ASP B 295 2.17 -14.74 -1.22
N THR B 296 1.04 -14.67 -0.51
CA THR B 296 -0.17 -15.41 -0.82
C THR B 296 -1.35 -14.46 -0.67
N ARG B 297 -2.10 -14.30 -1.75
CA ARG B 297 -3.29 -13.46 -1.80
C ARG B 297 -4.26 -13.91 -0.68
N GLU B 298 -4.43 -13.09 0.35
CA GLU B 298 -5.30 -13.50 1.46
C GLU B 298 -6.30 -12.44 1.87
N ILE B 299 -5.80 -11.21 1.94
CA ILE B 299 -6.65 -10.11 2.35
C ILE B 299 -7.72 -9.79 1.32
N LYS B 300 -8.94 -9.64 1.80
CA LYS B 300 -10.07 -9.34 0.95
C LYS B 300 -10.66 -8.01 1.47
N LEU B 301 -10.76 -7.00 0.59
CA LEU B 301 -11.29 -5.70 0.98
C LEU B 301 -12.27 -5.09 0.00
N TYR B 302 -13.20 -4.32 0.54
CA TYR B 302 -14.19 -3.66 -0.29
C TYR B 302 -13.72 -2.21 -0.38
N HIS B 303 -12.53 -2.00 -0.93
CA HIS B 303 -11.94 -0.67 -1.05
C HIS B 303 -11.47 -0.44 -2.48
N GLU B 304 -12.18 0.44 -3.19
CA GLU B 304 -11.86 0.72 -4.59
C GLU B 304 -10.42 1.16 -4.90
N ASN B 305 -9.98 2.26 -4.30
CA ASN B 305 -8.63 2.77 -4.58
C ASN B 305 -7.51 1.97 -3.93
N TRP B 306 -7.34 0.74 -4.39
CA TRP B 306 -6.34 -0.16 -3.84
C TRP B 306 -5.70 -1.09 -4.86
N ILE B 307 -4.40 -1.28 -4.73
CA ILE B 307 -3.67 -2.17 -5.62
C ILE B 307 -3.19 -3.33 -4.76
N ALA B 308 -3.50 -4.54 -5.18
CA ALA B 308 -3.08 -5.71 -4.42
C ALA B 308 -1.91 -6.39 -5.10
N GLU B 309 -0.72 -6.15 -4.57
CA GLU B 309 0.50 -6.73 -5.12
C GLU B 309 0.75 -8.10 -4.51
N VAL B 310 1.35 -8.98 -5.32
CA VAL B 310 1.66 -10.32 -4.88
C VAL B 310 3.05 -10.76 -5.32
N THR B 311 3.73 -11.45 -4.40
CA THR B 311 5.07 -11.97 -4.59
C THR B 311 5.16 -13.05 -5.65
N ARG B 312 6.33 -13.13 -6.26
CA ARG B 312 6.63 -14.13 -7.28
C ARG B 312 7.76 -15.03 -6.78
N THR B 313 7.47 -16.30 -6.54
CA THR B 313 8.48 -17.25 -6.05
C THR B 313 9.19 -17.95 -7.20
N GLY B 314 10.34 -17.39 -7.58
CA GLY B 314 11.13 -17.97 -8.65
C GLY B 314 12.62 -17.77 -8.47
N GLU B 319 12.17 -13.52 -10.45
CA GLU B 319 11.88 -13.61 -9.02
C GLU B 319 11.63 -12.23 -8.44
N ILE B 320 10.53 -12.09 -7.69
CA ILE B 320 10.20 -10.81 -7.10
C ILE B 320 9.75 -11.01 -5.68
N ASP B 321 10.48 -10.42 -4.73
CA ASP B 321 10.16 -10.56 -3.31
C ASP B 321 9.44 -9.35 -2.72
N TYR B 323 10.43 -7.45 -0.43
CA TYR B 323 11.39 -6.36 -0.35
C TYR B 323 11.29 -5.48 -1.59
N ASP B 324 11.49 -6.08 -2.76
CA ASP B 324 11.43 -5.38 -4.03
C ASP B 324 10.13 -4.58 -4.16
N LEU B 325 9.01 -5.28 -4.05
CA LEU B 325 7.72 -4.62 -4.14
C LEU B 325 7.56 -3.45 -3.16
N LEU B 326 7.96 -3.69 -1.90
CA LEU B 326 7.83 -2.71 -0.82
C LEU B 326 8.58 -1.42 -1.09
N ARG B 327 9.86 -1.52 -1.41
CA ARG B 327 10.64 -0.31 -1.69
C ARG B 327 10.11 0.36 -2.96
N ALA B 328 9.62 -0.43 -3.90
CA ALA B 328 9.06 0.10 -5.14
C ALA B 328 7.84 0.98 -4.82
N ALA B 329 6.82 0.34 -4.22
CA ALA B 329 5.59 1.01 -3.84
C ALA B 329 5.87 2.25 -3.00
N LEU B 330 6.98 2.21 -2.26
CA LEU B 330 7.35 3.33 -1.40
C LEU B 330 7.85 4.55 -2.15
N ARG B 331 7.94 4.45 -3.47
CA ARG B 331 8.41 5.60 -4.22
C ARG B 331 7.28 6.47 -4.59
N GLN B 332 6.11 6.02 -4.19
CA GLN B 332 4.96 6.81 -4.59
C GLN B 332 4.38 7.42 -3.37
N ARG B 333 3.11 7.69 -3.42
CA ARG B 333 2.56 8.27 -2.23
C ARG B 333 1.42 7.54 -1.56
N PRO B 334 1.47 6.19 -1.51
CA PRO B 334 0.42 5.38 -0.89
C PRO B 334 0.02 5.84 0.50
N ASP B 335 -1.27 5.82 0.87
CA ASP B 335 -1.67 6.25 2.21
C ASP B 335 -1.54 5.10 3.21
N TYR B 336 -1.84 3.90 2.73
CA TYR B 336 -1.73 2.72 3.55
C TYR B 336 -1.04 1.56 2.89
N ILE B 337 -0.12 0.98 3.63
CA ILE B 337 0.65 -0.17 3.19
C ILE B 337 0.37 -1.36 4.10
N ILE B 338 0.04 -2.48 3.47
CA ILE B 338 -0.25 -3.71 4.18
C ILE B 338 0.77 -4.72 3.67
N VAL B 339 1.42 -5.44 4.60
CA VAL B 339 2.44 -6.43 4.24
C VAL B 339 1.97 -7.87 4.44
N GLY B 340 1.11 -8.12 5.42
CA GLY B 340 0.63 -9.48 5.60
C GLY B 340 1.43 -10.34 6.54
N GLU B 341 2.75 -10.26 6.43
CA GLU B 341 3.63 -10.97 7.32
C GLU B 341 5.08 -10.71 6.97
N VAL B 342 5.73 -9.91 7.80
CA VAL B 342 7.14 -9.61 7.60
C VAL B 342 7.89 -10.83 8.14
N ARG B 343 8.71 -11.41 7.26
CA ARG B 343 9.50 -12.60 7.58
C ARG B 343 11.00 -12.35 7.40
N GLY B 344 11.36 -11.23 6.77
CA GLY B 344 12.78 -10.96 6.61
C GLY B 344 13.14 -9.51 6.30
N ARG B 345 14.30 -9.35 5.68
CA ARG B 345 14.85 -8.08 5.24
C ARG B 345 13.86 -6.90 5.17
N GLU B 346 12.78 -7.07 4.39
CA GLU B 346 11.78 -6.02 4.21
C GLU B 346 11.25 -5.43 5.51
N ALA B 347 11.34 -6.21 6.57
CA ALA B 347 10.88 -5.78 7.89
C ALA B 347 11.50 -4.41 8.18
N GLN B 348 12.74 -4.24 7.77
CA GLN B 348 13.44 -2.99 7.99
C GLN B 348 12.69 -1.90 7.20
N THR B 349 12.51 -2.15 5.90
CA THR B 349 11.82 -1.23 5.00
C THR B 349 10.44 -0.85 5.54
N LEU B 350 9.70 -1.85 5.98
CA LEU B 350 8.37 -1.62 6.52
C LEU B 350 8.44 -0.64 7.69
N PHE B 351 9.47 -0.73 8.51
CA PHE B 351 9.57 0.18 9.63
C PHE B 351 10.00 1.56 9.23
N GLN B 352 10.61 1.66 8.05
CA GLN B 352 11.06 2.93 7.52
C GLN B 352 9.84 3.64 7.01
N ALA B 353 8.99 2.88 6.33
CA ALA B 353 7.75 3.39 5.78
C ALA B 353 7.07 4.14 6.91
N SER B 355 8.48 5.40 9.65
CA SER B 355 9.26 6.58 9.92
C SER B 355 8.95 7.73 8.95
N THR B 356 8.63 7.39 7.70
CA THR B 356 8.34 8.40 6.69
C THR B 356 6.85 8.71 6.48
N GLY B 357 6.08 8.58 7.55
CA GLY B 357 4.66 8.87 7.53
C GLY B 357 3.65 7.97 6.83
N HIS B 358 4.02 6.74 6.52
CA HIS B 358 3.08 5.85 5.86
C HIS B 358 2.36 4.98 6.86
N ALA B 359 1.04 4.92 6.77
CA ALA B 359 0.25 4.08 7.65
C ALA B 359 0.63 2.66 7.25
N SER B 360 1.38 1.98 8.11
CA SER B 360 1.84 0.64 7.79
C SER B 360 1.29 -0.42 8.74
N TYR B 361 0.85 -1.55 8.17
CA TYR B 361 0.31 -2.65 8.96
C TYR B 361 0.83 -4.00 8.48
N SER B 362 1.03 -4.92 9.43
CA SER B 362 1.46 -6.27 9.09
C SER B 362 1.34 -7.30 10.21
N THR B 363 1.50 -8.56 9.82
CA THR B 363 1.43 -9.70 10.73
C THR B 363 2.83 -10.14 11.04
N LEU B 364 3.03 -10.70 12.23
CA LEU B 364 4.34 -11.16 12.65
C LEU B 364 4.21 -12.42 13.49
N HIS B 365 5.10 -13.38 13.25
CA HIS B 365 5.05 -14.63 13.99
C HIS B 365 5.80 -14.59 15.31
N ALA B 366 5.06 -14.49 16.42
CA ALA B 366 5.68 -14.46 17.76
C ALA B 366 4.64 -14.60 18.87
N GLY B 367 5.07 -15.06 20.04
CA GLY B 367 4.16 -15.27 21.16
C GLY B 367 3.91 -14.11 22.12
N ASP B 368 4.98 -13.53 22.65
CA ASP B 368 4.87 -12.39 23.57
C ASP B 368 5.12 -11.16 22.73
N ILE B 369 5.39 -10.08 23.44
CA ILE B 369 5.72 -8.80 22.83
C ILE B 369 7.23 -8.82 22.91
N ASN B 370 7.72 -9.48 23.96
CA ASN B 370 9.15 -9.65 24.20
C ASN B 370 9.70 -10.38 22.98
N GLN B 371 9.01 -11.47 22.66
CA GLN B 371 9.36 -12.32 21.52
C GLN B 371 9.27 -11.52 20.22
N VAL B 373 9.81 -8.22 19.88
CA VAL B 373 11.00 -7.40 19.84
C VAL B 373 12.18 -8.26 19.45
N TYR B 374 12.32 -9.42 20.10
CA TYR B 374 13.46 -10.27 19.79
C TYR B 374 13.43 -10.67 18.33
N ARG B 375 12.31 -11.20 17.87
CA ARG B 375 12.24 -11.60 16.49
C ARG B 375 12.49 -10.43 15.50
N LEU B 376 12.11 -9.22 15.89
CA LEU B 376 12.27 -8.06 15.02
C LEU B 376 13.70 -7.61 14.87
N GLU B 377 14.38 -7.53 16.00
CA GLU B 377 15.74 -7.07 16.06
C GLU B 377 16.82 -8.01 15.50
N SER B 378 16.58 -9.32 15.56
CA SER B 378 17.57 -10.26 15.06
C SER B 378 17.38 -10.65 13.59
N GLU B 379 18.44 -11.18 12.98
CA GLU B 379 18.40 -11.62 11.59
C GLU B 379 17.20 -12.58 11.53
N PRO B 380 16.53 -12.72 10.36
CA PRO B 380 16.75 -12.15 9.03
C PRO B 380 16.15 -10.75 8.93
N LEU B 381 15.14 -10.49 9.75
CA LEU B 381 14.46 -9.20 9.79
C LEU B 381 15.49 -8.12 10.06
N LYS B 382 16.12 -8.17 11.22
CA LYS B 382 17.15 -7.20 11.62
C LYS B 382 16.70 -5.73 11.58
N VAL B 383 15.71 -5.41 12.42
CA VAL B 383 15.22 -4.04 12.50
C VAL B 383 15.98 -3.39 13.65
N PRO B 384 16.63 -2.23 13.38
CA PRO B 384 17.36 -1.60 14.47
C PRO B 384 16.45 -1.10 15.60
N ARG B 385 16.93 -1.20 16.82
CA ARG B 385 16.17 -0.77 17.98
C ARG B 385 15.63 0.67 17.88
N SER B 386 16.40 1.58 17.32
CA SER B 386 15.96 2.98 17.21
C SER B 386 14.70 3.15 16.38
N LEU B 388 12.07 0.90 16.19
CA LEU B 388 10.84 0.35 16.74
C LEU B 388 9.91 1.44 17.22
N GLN B 389 10.48 2.57 17.61
CA GLN B 389 9.68 3.67 18.12
C GLN B 389 8.56 4.03 17.16
N PHE B 390 8.81 3.85 15.87
CA PHE B 390 7.83 4.18 14.84
C PHE B 390 6.61 3.26 14.73
N LEU B 391 6.54 2.21 15.55
CA LEU B 391 5.37 1.33 15.52
C LEU B 391 4.45 1.89 16.60
N ASP B 392 3.15 1.93 16.33
CA ASP B 392 2.18 2.49 17.28
C ASP B 392 1.46 1.46 18.15
N ILE B 393 0.83 0.49 17.51
CA ILE B 393 0.09 -0.54 18.20
C ILE B 393 0.55 -1.95 17.89
N ALA B 394 0.53 -2.80 18.91
CA ALA B 394 0.92 -4.19 18.75
C ALA B 394 -0.11 -5.08 19.46
N LEU B 395 -0.92 -5.78 18.66
CA LEU B 395 -1.93 -6.68 19.20
C LEU B 395 -1.33 -8.07 19.30
N VAL B 396 -1.87 -8.88 20.20
CA VAL B 396 -1.39 -10.25 20.39
C VAL B 396 -2.55 -11.25 20.33
N GLN B 397 -2.57 -12.10 19.31
CA GLN B 397 -3.64 -13.08 19.16
C GLN B 397 -3.25 -14.42 19.73
N THR B 398 -4.26 -15.12 20.24
CA THR B 398 -4.06 -16.42 20.84
C THR B 398 -5.25 -17.30 20.51
N TRP B 400 -7.20 -19.94 22.27
CA TRP B 400 -7.53 -20.60 23.55
C TRP B 400 -8.26 -21.93 23.35
N VAL B 401 -7.60 -23.02 23.74
CA VAL B 401 -8.13 -24.39 23.64
C VAL B 401 -8.52 -25.02 25.00
N ARG B 402 -9.82 -25.30 25.17
CA ARG B 402 -10.36 -25.88 26.39
C ARG B 402 -11.51 -26.85 26.06
N GLY B 403 -11.18 -28.13 25.99
CA GLY B 403 -12.18 -29.14 25.66
C GLY B 403 -12.39 -29.19 24.16
N ASN B 404 -13.64 -29.32 23.74
CA ASN B 404 -13.96 -29.34 22.32
C ASN B 404 -14.29 -27.95 21.84
N THR B 405 -13.57 -26.97 22.38
CA THR B 405 -13.78 -25.58 22.01
C THR B 405 -12.47 -24.82 21.74
N ARG B 406 -12.53 -23.98 20.70
CA ARG B 406 -11.46 -23.09 20.23
C ARG B 406 -11.92 -21.64 20.36
N LEU B 407 -11.03 -20.76 20.78
CA LEU B 407 -11.37 -19.38 20.96
C LEU B 407 -10.22 -18.58 20.51
N ARG B 408 -10.46 -17.85 19.43
CA ARG B 408 -9.46 -16.99 18.85
C ARG B 408 -9.78 -15.76 19.68
N ARG B 409 -8.78 -15.21 20.35
CA ARG B 409 -8.98 -14.08 21.24
C ARG B 409 -7.87 -13.05 21.14
N THR B 410 -8.22 -11.77 21.14
CA THR B 410 -7.15 -10.80 21.13
C THR B 410 -6.70 -10.82 22.56
N LYS B 411 -5.63 -11.56 22.79
CA LYS B 411 -5.04 -11.74 24.10
C LYS B 411 -4.49 -10.49 24.77
N GLU B 412 -4.10 -9.49 23.97
CA GLU B 412 -3.50 -8.25 24.53
C GLU B 412 -3.24 -7.11 23.52
N VAL B 413 -3.52 -5.87 23.93
CA VAL B 413 -3.31 -4.73 23.06
C VAL B 413 -2.20 -3.86 23.63
N ASN B 414 -1.14 -3.62 22.86
CA ASN B 414 -0.02 -2.83 23.33
C ASN B 414 0.20 -1.56 22.56
N GLU B 415 0.62 -0.52 23.26
CA GLU B 415 0.93 0.78 22.67
C GLU B 415 2.44 1.04 22.86
N ILE B 416 3.13 1.35 21.76
CA ILE B 416 4.55 1.64 21.83
C ILE B 416 4.67 3.15 21.95
N LEU B 417 4.95 3.61 23.17
CA LEU B 417 5.09 5.02 23.45
C LEU B 417 6.37 5.57 22.84
N GLY B 418 7.50 4.95 23.17
CA GLY B 418 8.76 5.40 22.61
C GLY B 418 9.95 4.56 23.00
N ILE B 419 11.13 5.18 23.04
CA ILE B 419 12.36 4.50 23.42
C ILE B 419 12.96 5.26 24.60
N ASP B 420 13.14 4.57 25.72
CA ASP B 420 13.68 5.17 26.93
C ASP B 420 15.09 5.71 26.71
N PRO B 421 15.36 6.92 27.22
CA PRO B 421 16.64 7.63 27.13
C PRO B 421 17.79 6.87 27.83
N VAL B 422 17.43 5.85 28.60
CA VAL B 422 18.41 5.04 29.31
C VAL B 422 18.23 3.58 28.91
N ASP B 423 19.31 2.96 28.45
CA ASP B 423 19.27 1.57 28.00
C ASP B 423 18.39 1.46 26.78
N LYS B 424 17.93 2.60 26.28
CA LYS B 424 17.09 2.64 25.09
C LYS B 424 16.10 1.47 25.13
N ASN B 425 15.29 1.44 26.18
CA ASN B 425 14.29 0.40 26.34
C ASN B 425 13.01 0.86 25.66
N LEU B 426 12.29 -0.09 25.08
CA LEU B 426 11.06 0.25 24.38
C LEU B 426 9.96 0.60 25.38
N LEU B 427 9.46 1.83 25.32
CA LEU B 427 8.38 2.21 26.23
C LEU B 427 7.10 1.61 25.66
N VAL B 428 6.46 0.75 26.44
CA VAL B 428 5.24 0.11 25.99
C VAL B 428 4.12 0.27 27.02
N ASN B 429 2.88 0.21 26.56
CA ASN B 429 1.73 0.29 27.46
C ASN B 429 0.69 -0.74 27.03
N GLN B 430 0.43 -1.69 27.92
CA GLN B 430 -0.56 -2.73 27.68
C GLN B 430 -1.87 -2.19 28.26
N PHE B 431 -2.79 -1.68 27.43
CA PHE B 431 -4.01 -1.16 28.04
C PHE B 431 -5.15 -2.17 28.10
N VAL B 432 -5.09 -3.20 27.27
CA VAL B 432 -6.11 -4.21 27.33
C VAL B 432 -5.44 -5.57 27.41
N LYS B 433 -5.93 -6.40 28.33
CA LYS B 433 -5.40 -7.73 28.52
C LYS B 433 -6.55 -8.72 28.64
N TRP B 434 -6.47 -9.83 27.92
CA TRP B 434 -7.53 -10.80 28.00
C TRP B 434 -7.40 -11.68 29.22
N ASP B 435 -8.54 -12.14 29.73
CA ASP B 435 -8.56 -13.00 30.90
C ASP B 435 -9.22 -14.32 30.52
N PRO B 436 -8.43 -15.39 30.41
CA PRO B 436 -8.92 -16.73 30.06
C PRO B 436 -9.89 -17.28 31.10
N LYS B 437 -9.72 -16.84 32.36
CA LYS B 437 -10.59 -17.27 33.44
C LYS B 437 -12.06 -17.04 33.10
N GLU B 438 -12.50 -15.78 33.14
CA GLU B 438 -13.88 -15.43 32.85
C GLU B 438 -14.08 -15.08 31.37
N ASP B 439 -13.01 -15.23 30.58
CA ASP B 439 -13.07 -14.90 29.17
C ASP B 439 -13.58 -13.47 29.07
N LYS B 440 -12.89 -12.57 29.78
CA LYS B 440 -13.20 -11.15 29.83
C LYS B 440 -11.98 -10.32 29.53
N HIS B 441 -12.08 -9.40 28.58
CA HIS B 441 -10.97 -8.52 28.23
C HIS B 441 -10.96 -7.46 29.32
N ILE B 442 -9.78 -7.11 29.81
CA ILE B 442 -9.68 -6.10 30.88
C ILE B 442 -8.83 -4.89 30.53
N GLU B 443 -9.35 -3.72 30.87
CA GLU B 443 -8.64 -2.47 30.60
C GLU B 443 -7.75 -2.06 31.76
N VAL B 444 -6.54 -2.59 31.81
CA VAL B 444 -5.61 -2.28 32.88
C VAL B 444 -5.34 -0.77 33.00
N SER B 445 -5.69 -0.03 31.94
CA SER B 445 -5.48 1.42 31.90
C SER B 445 -6.18 2.03 30.69
N PRO B 447 -5.98 4.11 26.99
CA PRO B 447 -5.03 4.31 25.89
C PRO B 447 -4.29 5.65 25.93
N LYS B 448 -2.96 5.57 25.92
CA LYS B 448 -2.12 6.76 25.93
C LYS B 448 -2.09 7.35 24.52
N LYS B 449 -2.44 6.53 23.54
CA LYS B 449 -2.47 6.99 22.15
C LYS B 449 -3.62 7.98 21.89
N LEU B 450 -4.51 8.14 22.85
CA LEU B 450 -5.63 9.07 22.68
C LEU B 450 -5.17 10.53 22.71
N GLU B 451 -4.04 10.79 23.39
CA GLU B 451 -3.48 12.13 23.50
C GLU B 451 -2.81 12.51 22.22
N LYS B 452 -2.13 11.55 21.61
CA LYS B 452 -1.48 11.79 20.34
C LYS B 452 -2.52 12.19 19.33
N ALA B 454 -5.53 13.56 20.07
CA ALA B 454 -6.10 14.83 20.49
C ALA B 454 -5.31 15.99 19.88
N ASP B 455 -3.99 15.90 20.00
CA ASP B 455 -3.10 16.91 19.46
C ASP B 455 -3.23 16.95 17.95
N PHE B 456 -3.10 15.79 17.32
CA PHE B 456 -3.23 15.75 15.87
C PHE B 456 -4.54 16.37 15.38
N LEU B 457 -5.48 16.60 16.29
CA LEU B 457 -6.77 17.18 15.91
C LEU B 457 -7.03 18.57 16.49
N GLY B 458 -6.35 18.87 17.59
CA GLY B 458 -6.52 20.16 18.22
C GLY B 458 -7.70 20.17 19.17
N VAL B 459 -8.16 18.99 19.55
CA VAL B 459 -9.29 18.86 20.46
C VAL B 459 -8.80 18.33 21.81
N SER B 460 -9.67 18.28 22.81
CA SER B 460 -9.29 17.76 24.14
C SER B 460 -9.31 16.23 24.14
N VAL B 461 -8.45 15.62 24.95
CA VAL B 461 -8.43 14.17 25.03
C VAL B 461 -9.87 13.71 25.28
N GLN B 462 -10.57 14.46 26.13
CA GLN B 462 -11.95 14.14 26.46
C GLN B 462 -12.78 14.04 25.19
N GLU B 463 -12.56 14.98 24.28
CA GLU B 463 -13.29 15.01 23.02
C GLU B 463 -13.07 13.78 22.14
N VAL B 464 -11.83 13.30 22.09
CA VAL B 464 -11.48 12.12 21.30
C VAL B 464 -12.16 10.92 21.92
N TYR B 465 -12.03 10.81 23.24
CA TYR B 465 -12.61 9.71 23.97
C TYR B 465 -14.09 9.52 23.64
N ASP B 466 -14.84 10.63 23.64
CA ASP B 466 -16.26 10.54 23.34
C ASP B 466 -16.53 10.08 21.92
N GLU B 467 -15.62 10.42 21.01
CA GLU B 467 -15.75 10.05 19.59
C GLU B 467 -15.65 8.55 19.55
N LEU B 469 -16.30 6.32 21.97
CA LEU B 469 -17.52 5.74 22.48
C LEU B 469 -18.58 5.74 21.40
N SER B 470 -18.64 6.84 20.68
CA SER B 470 -19.60 6.96 19.59
C SER B 470 -19.40 5.80 18.62
N ARG B 471 -18.23 5.73 17.98
CA ARG B 471 -17.95 4.63 17.04
C ARG B 471 -18.30 3.30 17.70
N LYS B 472 -17.89 3.15 18.95
CA LYS B 472 -18.18 1.94 19.69
C LYS B 472 -19.68 1.68 19.64
N ARG B 473 -20.48 2.70 19.93
CA ARG B 473 -21.93 2.54 19.91
C ARG B 473 -22.43 2.15 18.52
N TYR B 474 -21.83 2.76 17.51
CA TYR B 474 -22.19 2.51 16.13
C TYR B 474 -21.97 1.03 15.81
N LEU B 475 -20.81 0.52 16.21
CA LEU B 475 -20.46 -0.87 15.97
C LEU B 475 -21.47 -1.82 16.59
N GLU B 476 -21.76 -1.62 17.89
CA GLU B 476 -22.71 -2.47 18.58
C GLU B 476 -24.11 -2.35 17.99
N LEU B 477 -24.40 -1.22 17.38
CA LEU B 477 -25.71 -1.02 16.77
C LEU B 477 -25.75 -1.86 15.49
N LEU B 479 -24.08 -4.55 15.04
CA LEU B 479 -24.10 -5.93 15.48
C LEU B 479 -25.52 -6.28 15.80
N LYS B 480 -26.10 -5.50 16.69
CA LYS B 480 -27.47 -5.70 17.12
C LYS B 480 -28.41 -5.79 15.92
N ARG B 481 -28.08 -5.07 14.85
CA ARG B 481 -28.91 -5.07 13.64
C ARG B 481 -28.56 -6.20 12.68
N GLY B 482 -27.64 -7.05 13.09
CA GLY B 482 -27.23 -8.18 12.25
C GLY B 482 -26.58 -7.78 10.94
N ILE B 483 -25.59 -6.92 11.03
CA ILE B 483 -24.83 -6.47 9.88
C ILE B 483 -23.45 -7.08 10.07
N ARG B 484 -23.22 -8.23 9.44
CA ARG B 484 -21.96 -8.93 9.60
C ARG B 484 -21.04 -9.07 8.39
N ASN B 485 -21.58 -9.19 7.18
CA ASN B 485 -20.73 -9.35 5.98
C ASN B 485 -19.85 -8.17 5.64
N TYR B 486 -18.63 -8.46 5.19
CA TYR B 486 -17.66 -7.41 4.90
C TYR B 486 -18.09 -6.33 3.93
N LYS B 487 -18.69 -6.71 2.80
CA LYS B 487 -19.11 -5.68 1.86
C LYS B 487 -20.13 -4.74 2.52
N GLU B 488 -21.15 -5.29 3.18
CA GLU B 488 -22.15 -4.44 3.83
C GLU B 488 -21.59 -3.68 5.02
N VAL B 489 -20.71 -4.32 5.79
CA VAL B 489 -20.11 -3.67 6.94
C VAL B 489 -19.23 -2.51 6.51
N THR B 490 -18.38 -2.78 5.52
CA THR B 490 -17.48 -1.77 4.96
C THR B 490 -18.37 -0.62 4.46
N ARG B 491 -19.48 -0.98 3.81
CA ARG B 491 -20.41 0.00 3.30
C ARG B 491 -20.85 0.98 4.39
N TYR B 492 -21.32 0.45 5.53
CA TYR B 492 -21.77 1.27 6.67
C TYR B 492 -20.66 2.03 7.39
N ILE B 493 -19.45 1.51 7.35
CA ILE B 493 -18.34 2.18 8.00
C ILE B 493 -17.95 3.36 7.11
N HIS B 494 -17.80 3.13 5.82
CA HIS B 494 -17.46 4.21 4.92
C HIS B 494 -18.44 5.35 5.15
N ALA B 495 -19.68 4.97 5.43
CA ALA B 495 -20.73 5.93 5.68
C ALA B 495 -20.41 6.86 6.86
N TYR B 496 -20.17 6.28 8.02
CA TYR B 496 -19.83 7.04 9.21
C TYR B 496 -18.69 7.99 8.91
N TYR B 497 -17.81 7.57 8.00
CA TYR B 497 -16.70 8.40 7.58
C TYR B 497 -17.24 9.65 6.90
N ARG B 498 -17.93 9.45 5.78
CA ARG B 498 -18.51 10.52 5.01
C ARG B 498 -19.29 11.55 5.84
N ASN B 499 -20.07 11.06 6.80
CA ASN B 499 -20.84 11.91 7.69
C ASN B 499 -21.29 11.08 8.87
N PRO B 500 -20.76 11.39 10.06
CA PRO B 500 -21.07 10.70 11.32
C PRO B 500 -22.49 10.83 11.87
N GLU B 501 -23.01 12.04 12.02
CA GLU B 501 -24.35 12.20 12.58
C GLU B 501 -25.41 11.62 11.67
N LEU B 502 -25.27 11.84 10.37
CA LEU B 502 -26.24 11.33 9.41
C LEU B 502 -26.15 9.83 9.44
N ALA B 503 -24.93 9.32 9.58
CA ALA B 503 -24.74 7.89 9.63
C ALA B 503 -25.36 7.28 10.89
N THR B 505 -27.76 8.42 12.90
CA THR B 505 -29.21 8.49 12.85
C THR B 505 -29.74 7.36 12.00
N LYS B 506 -29.23 7.24 10.78
CA LYS B 506 -29.70 6.19 9.88
C LYS B 506 -29.48 4.79 10.44
N GLU B 508 -29.55 4.00 13.89
CA GLU B 508 -30.57 3.84 14.90
C GLU B 508 -31.97 4.14 14.39
N GLU B 509 -32.11 4.45 13.10
CA GLU B 509 -33.43 4.73 12.56
C GLU B 509 -33.90 3.66 11.57
N GLY B 510 -33.15 2.57 11.50
CA GLY B 510 -33.50 1.46 10.64
C GLY B 510 -33.01 1.47 9.20
N LEU B 511 -32.57 2.62 8.70
CA LEU B 511 -32.10 2.71 7.33
C LEU B 511 -30.72 2.12 7.05
#